data_6GRI
#
_entry.id   6GRI
#
_cell.length_a   183.900
_cell.length_b   82.110
_cell.length_c   87.530
_cell.angle_alpha   90.000
_cell.angle_beta   91.450
_cell.angle_gamma   90.000
#
_symmetry.space_group_name_H-M   'C 1 2 1'
#
loop_
_entity.id
_entity.type
_entity.pdbx_description
1 polymer 'Microcin B17-processing protein McbB'
2 polymer 'Microcin B17-processing protein McbC'
3 polymer 'Microcin B17-processing protein McbD'
4 non-polymer 'ZINC ION'
5 non-polymer 'SULFATE ION'
6 non-polymer 'CHLORIDE ION'
7 non-polymer 'FLAVIN MONONUCLEOTIDE'
8 water water
#
loop_
_entity_poly.entity_id
_entity_poly.type
_entity_poly.pdbx_seq_one_letter_code
_entity_poly.pdbx_strand_id
1 'polypeptide(L)'
;MVLPDIKKGKDMINILPFEIISRNTKTLLITYISSVDITHEGMKKVLESLRSKQGIISEYLLDKLLDESLIDKDKGKEFL
ITTGVINKTKTSPLWVNSVIISDVPHLFSNAREQWKCDGVFVSHIIDIKDNNINVSDSTLIWLHLENYHSDIVKRIYSKF
ESNPGVAFIQSYYLKESFRIDGVYSPDLGTPCHFCHIERWLSREEKSFRRNEMSWANLLQLLKKYQMTLPALALGESERG
FSYHLIKRRLQELTGTSLVKSHVDNFMSSVSADLITCILCKEPVIHWQACSCLER
;
1,2
2 'polypeptide(L)'
;MSKHELSLVEVTHYTDPEVLAIVKDFHVRGNFASLPEFAERTFVSAVPLAHLEKFENKEVLFRPGFSSVINISSSHNFSR
ERLPSGINFCDKNKLSIRTIEKLLVNAFSSPDPGSVRRPYPSGGALYPIEVFLCRLSENTENWQAGTNVYHYLPLSQALE
PVATCNTQSLYRSLSGGDSERLGKPHFALVYCIIFEKALFKYRYRGYRMALMETGSMYQNAVLVADQIGLKNRVWAGYTD
SYVAKTMNLDQRTVAPLIVQFFGDVNDDKCLQ
;
C
3 'polypeptide(L)'
;MINVYSNLMSAWPATMAMSPKLNRNMPTFSQIWDYERITPASAAGETLKSIQGAIGEYFERRHFFNEIVTGGQKTLYEMM
PPSAAKAFTEAFFQISSLTRDEIITHKFKTVRAFNLFSLEQQEIPAVIIALDNITAADDLKFYPDRDTCGCSFHGSLNDA
IEGSLCEFMERQSLLLYWLQGKANTEISSEIVTGINHIDEILLALRSEGDIRIFDITLPGAPGHAVLTLYGTKNKISRIK
YSTGLSYANSLKKALCKSVVELWQSYICLHNFLIGGYTDDDIIDSYQRHFMSCNKYESFTDLCENTVLLSDDVKLTLEEN
ITSDTNLLNYLQQISDNIFVYYARERVSNSLVWYTKIVSPDFFLHMNNSGAININNKIYHTGDGIKVRESKMVPFP
;
D
#
loop_
_chem_comp.id
_chem_comp.type
_chem_comp.name
_chem_comp.formula
CL non-polymer 'CHLORIDE ION' 'Cl -1'
FMN non-polymer 'FLAVIN MONONUCLEOTIDE' 'C17 H21 N4 O9 P'
SO4 non-polymer 'SULFATE ION' 'O4 S -2'
ZN non-polymer 'ZINC ION' 'Zn 2'
#
# COMPACT_ATOMS: atom_id res chain seq x y z
N MET A 12 10.32 17.20 -33.05
CA MET A 12 9.00 17.82 -32.81
C MET A 12 8.90 18.29 -31.36
N ILE A 13 8.66 19.58 -31.15
CA ILE A 13 8.36 20.10 -29.81
C ILE A 13 6.86 20.02 -29.59
N ASN A 14 6.46 19.25 -28.58
CA ASN A 14 5.07 19.14 -28.16
C ASN A 14 4.81 20.10 -27.00
N ILE A 15 3.70 20.83 -27.08
CA ILE A 15 3.22 21.65 -25.97
C ILE A 15 2.31 20.76 -25.12
N LEU A 16 2.53 20.81 -23.80
CA LEU A 16 1.77 20.03 -22.82
C LEU A 16 0.74 20.92 -22.10
N PRO A 17 -0.22 20.32 -21.37
CA PRO A 17 -1.25 21.15 -20.76
C PRO A 17 -0.66 21.98 -19.64
N PHE A 18 -0.80 23.30 -19.75
CA PHE A 18 -0.42 24.20 -18.67
C PHE A 18 -1.35 25.39 -18.63
N GLU A 19 -1.20 26.16 -17.58
CA GLU A 19 -1.87 27.44 -17.46
C GLU A 19 -0.86 28.47 -16.98
N ILE A 20 -1.16 29.71 -17.33
CA ILE A 20 -0.42 30.86 -16.87
C ILE A 20 -1.48 31.82 -16.35
N ILE A 21 -1.38 32.18 -15.09
CA ILE A 21 -2.38 33.02 -14.43
C ILE A 21 -1.69 34.17 -13.70
N SER A 22 -2.27 35.36 -13.80
CA SER A 22 -1.75 36.55 -13.13
C SER A 22 -2.89 37.44 -12.67
N ARG A 23 -2.76 37.97 -11.45
CA ARG A 23 -3.54 39.11 -10.98
C ARG A 23 -2.51 40.11 -10.49
N ASN A 24 -2.51 41.31 -11.09
CA ASN A 24 -1.63 42.42 -10.72
C ASN A 24 -0.13 42.04 -10.64
N THR A 25 0.33 41.67 -9.44
CA THR A 25 1.77 41.53 -9.15
C THR A 25 2.33 40.14 -9.48
N LYS A 26 1.69 39.10 -8.97
CA LYS A 26 2.21 37.73 -9.08
C LYS A 26 1.89 37.06 -10.41
N THR A 27 2.74 36.09 -10.78
CA THR A 27 2.58 35.28 -11.99
C THR A 27 2.93 33.82 -11.69
N LEU A 28 1.99 32.90 -11.96
CA LEU A 28 2.19 31.46 -11.69
C LEU A 28 1.99 30.60 -12.93
N LEU A 29 3.01 29.80 -13.26
CA LEU A 29 2.91 28.72 -14.24
C LEU A 29 2.47 27.47 -13.49
N ILE A 30 1.40 26.84 -13.97
CA ILE A 30 0.89 25.59 -13.39
C ILE A 30 0.88 24.52 -14.49
N THR A 31 1.70 23.49 -14.31
CA THR A 31 1.78 22.36 -15.25
C THR A 31 1.57 21.04 -14.50
N TYR A 32 1.46 19.95 -15.25
CA TYR A 32 1.35 18.63 -14.64
C TYR A 32 2.55 18.27 -13.79
N ILE A 33 3.74 18.76 -14.13
CA ILE A 33 4.95 18.45 -13.36
C ILE A 33 5.16 19.44 -12.21
N SER A 34 4.91 20.74 -12.43
CA SER A 34 5.34 21.77 -11.47
C SER A 34 4.44 22.99 -11.38
N SER A 35 4.77 23.85 -10.42
CA SER A 35 4.15 25.16 -10.23
C SER A 35 5.28 26.16 -9.94
N VAL A 36 5.52 27.09 -10.88
CA VAL A 36 6.70 27.98 -10.79
C VAL A 36 6.34 29.46 -10.72
N ASP A 37 6.95 30.15 -9.76
CA ASP A 37 6.79 31.60 -9.56
C ASP A 37 7.73 32.35 -10.51
N ILE A 38 7.17 32.83 -11.63
CA ILE A 38 7.96 33.41 -12.73
C ILE A 38 8.37 34.82 -12.36
N THR A 39 9.68 35.03 -12.23
CA THR A 39 10.22 36.36 -11.92
C THR A 39 10.79 37.08 -13.16
N HIS A 40 10.79 36.41 -14.31
CA HIS A 40 11.24 37.00 -15.59
C HIS A 40 10.03 37.64 -16.30
N GLU A 41 10.32 38.52 -17.27
CA GLU A 41 9.28 39.21 -18.07
C GLU A 41 9.16 38.57 -19.44
N GLY A 42 10.31 38.19 -19.99
CA GLY A 42 10.37 37.47 -21.25
C GLY A 42 9.83 36.06 -21.20
N MET A 43 10.00 35.38 -20.06
CA MET A 43 9.51 34.02 -19.87
C MET A 43 7.98 33.96 -19.77
N LYS A 44 7.39 34.98 -19.12
CA LYS A 44 5.94 35.13 -19.10
C LYS A 44 5.38 35.37 -20.50
N LYS A 45 6.11 36.18 -21.30
CA LYS A 45 5.76 36.43 -22.71
C LYS A 45 5.75 35.14 -23.53
N VAL A 46 6.86 34.41 -23.45
CA VAL A 46 7.00 33.11 -24.12
C VAL A 46 5.87 32.17 -23.69
N LEU A 47 5.65 32.08 -22.37
CA LEU A 47 4.60 31.21 -21.81
C LEU A 47 3.20 31.63 -22.28
N GLU A 48 2.97 32.94 -22.31
CA GLU A 48 1.77 33.49 -22.95
C GLU A 48 1.63 33.04 -24.42
N SER A 49 2.74 33.09 -25.18
CA SER A 49 2.77 32.66 -26.60
C SER A 49 2.46 31.15 -26.82
N LEU A 50 3.12 30.29 -26.05
CA LEU A 50 2.94 28.82 -26.13
C LEU A 50 1.55 28.30 -25.76
N ARG A 51 0.79 29.07 -24.96
CA ARG A 51 -0.53 28.65 -24.50
C ARG A 51 -1.59 28.73 -25.59
N SER A 52 -1.41 29.65 -26.53
CA SER A 52 -2.27 29.75 -27.72
C SER A 52 -1.98 28.69 -28.79
N LYS A 53 -0.69 28.35 -28.95
CA LYS A 53 -0.26 27.33 -29.91
C LYS A 53 -0.87 25.95 -29.57
N GLN A 54 -1.61 25.39 -30.54
CA GLN A 54 -2.38 24.16 -30.34
C GLN A 54 -1.55 22.88 -30.63
N GLY A 55 -1.00 22.27 -29.57
CA GLY A 55 -0.32 20.95 -29.67
C GLY A 55 1.13 20.92 -30.15
N ILE A 56 1.34 20.88 -31.47
CA ILE A 56 2.68 20.92 -32.08
C ILE A 56 3.22 22.35 -32.29
N ILE A 57 4.55 22.47 -32.36
CA ILE A 57 5.26 23.72 -32.68
C ILE A 57 6.69 23.41 -33.14
N SER A 58 7.23 24.20 -34.07
CA SER A 58 8.55 23.94 -34.64
C SER A 58 9.65 24.57 -33.79
N GLU A 59 10.73 23.81 -33.54
CA GLU A 59 11.92 24.31 -32.87
C GLU A 59 12.37 25.68 -33.41
N TYR A 60 12.18 25.93 -34.71
CA TYR A 60 12.40 27.27 -35.29
C TYR A 60 11.52 28.33 -34.62
N LEU A 61 10.21 28.07 -34.56
CA LEU A 61 9.26 29.02 -33.95
C LEU A 61 9.50 29.25 -32.46
N LEU A 62 9.87 28.19 -31.73
CA LEU A 62 10.19 28.30 -30.30
C LEU A 62 11.40 29.22 -30.09
N ASP A 63 12.47 28.97 -30.84
CA ASP A 63 13.65 29.82 -30.80
C ASP A 63 13.32 31.28 -31.11
N LYS A 64 12.39 31.50 -32.05
CA LYS A 64 11.95 32.87 -32.39
C LYS A 64 11.15 33.52 -31.25
N LEU A 65 10.33 32.74 -30.55
CA LEU A 65 9.62 33.25 -29.35
C LEU A 65 10.63 33.60 -28.24
N LEU A 66 11.60 32.71 -28.00
CA LEU A 66 12.68 32.96 -27.03
C LEU A 66 13.57 34.14 -27.40
N ASP A 67 13.88 34.27 -28.69
CA ASP A 67 14.73 35.37 -29.19
C ASP A 67 14.07 36.75 -29.07
N GLU A 68 12.76 36.81 -29.29
CA GLU A 68 12.00 38.05 -29.07
C GLU A 68 12.02 38.49 -27.60
N SER A 69 12.02 37.51 -26.69
CA SER A 69 12.01 37.76 -25.24
C SER A 69 13.39 37.85 -24.59
N LEU A 70 14.46 37.62 -25.36
CA LEU A 70 15.85 37.75 -24.88
C LEU A 70 16.26 36.62 -23.94
N ILE A 71 15.68 35.43 -24.15
CA ILE A 71 16.00 34.22 -23.40
C ILE A 71 17.05 33.43 -24.17
N ASP A 72 18.05 32.91 -23.46
CA ASP A 72 19.04 31.98 -24.04
C ASP A 72 18.30 30.74 -24.56
N LYS A 73 18.52 30.42 -25.84
CA LYS A 73 17.78 29.37 -26.53
C LYS A 73 17.90 28.04 -25.81
N ASP A 74 19.12 27.64 -25.43
CA ASP A 74 19.32 26.38 -24.71
C ASP A 74 18.90 26.48 -23.23
N LYS A 75 19.03 27.65 -22.60
CA LYS A 75 18.65 27.85 -21.19
C LYS A 75 17.15 28.14 -20.97
N GLY A 76 16.40 28.46 -22.04
CA GLY A 76 14.93 28.51 -22.01
C GLY A 76 14.30 27.17 -22.33
N LYS A 77 14.95 26.42 -23.21
CA LYS A 77 14.55 25.06 -23.54
C LYS A 77 14.71 24.13 -22.33
N GLU A 78 15.77 24.30 -21.55
CA GLU A 78 15.92 23.55 -20.30
C GLU A 78 14.83 23.92 -19.29
N PHE A 79 14.42 25.19 -19.28
CA PHE A 79 13.33 25.62 -18.41
C PHE A 79 12.02 24.98 -18.83
N LEU A 80 11.61 25.23 -20.08
CA LEU A 80 10.32 24.74 -20.59
C LEU A 80 10.19 23.21 -20.57
N ILE A 81 11.30 22.51 -20.79
CA ILE A 81 11.32 21.04 -20.73
C ILE A 81 11.19 20.55 -19.28
N THR A 82 12.05 21.03 -18.38
CA THR A 82 12.05 20.54 -16.98
C THR A 82 10.77 20.86 -16.21
N THR A 83 10.19 22.04 -16.43
CA THR A 83 8.93 22.42 -15.76
C THR A 83 7.67 21.75 -16.33
N GLY A 84 7.79 21.03 -17.45
CA GLY A 84 6.68 20.29 -18.02
C GLY A 84 5.76 21.11 -18.91
N VAL A 85 6.27 22.22 -19.45
CA VAL A 85 5.53 23.03 -20.42
C VAL A 85 5.63 22.37 -21.80
N ILE A 86 6.83 21.89 -22.15
CA ILE A 86 7.06 21.19 -23.42
C ILE A 86 7.84 19.90 -23.24
N ASN A 87 7.94 19.11 -24.31
CA ASN A 87 9.01 18.12 -24.47
C ASN A 87 9.39 17.82 -25.93
N LYS A 88 10.69 17.58 -26.13
CA LYS A 88 11.22 17.13 -27.40
C LYS A 88 10.82 15.68 -27.60
N THR A 89 10.53 15.30 -28.84
CA THR A 89 10.32 13.91 -29.21
C THR A 89 10.94 13.73 -30.59
N LYS A 90 11.66 12.63 -30.80
CA LYS A 90 12.51 12.45 -31.99
C LYS A 90 12.17 11.25 -32.91
N THR A 91 11.17 10.44 -32.55
CA THR A 91 10.93 9.16 -33.22
C THR A 91 9.64 9.19 -34.02
N SER A 92 9.73 8.91 -35.33
CA SER A 92 8.56 8.87 -36.20
C SER A 92 7.65 7.69 -35.83
N PRO A 93 6.32 7.87 -35.89
CA PRO A 93 5.42 6.82 -35.43
C PRO A 93 5.20 5.70 -36.47
N LEU A 94 4.58 4.62 -36.03
CA LEU A 94 4.27 3.49 -36.90
C LEU A 94 3.12 3.84 -37.85
N TRP A 95 2.27 4.79 -37.47
CA TRP A 95 1.14 5.20 -38.29
C TRP A 95 1.16 6.71 -38.57
N VAL A 96 1.45 7.03 -39.83
CA VAL A 96 1.47 8.40 -40.37
C VAL A 96 0.28 9.20 -39.87
N ASN A 97 -0.92 8.66 -40.05
CA ASN A 97 -2.15 9.37 -39.72
C ASN A 97 -3.26 8.41 -39.30
N SER A 98 -4.40 8.97 -38.93
CA SER A 98 -5.54 8.19 -38.46
C SER A 98 -6.78 8.63 -39.21
N VAL A 99 -7.76 7.73 -39.31
CA VAL A 99 -9.12 8.08 -39.74
C VAL A 99 -10.08 7.41 -38.79
N ILE A 100 -11.23 8.05 -38.61
CA ILE A 100 -12.32 7.51 -37.82
C ILE A 100 -13.46 7.22 -38.79
N ILE A 101 -13.81 5.94 -38.93
CA ILE A 101 -15.00 5.51 -39.68
C ILE A 101 -16.09 5.14 -38.67
N SER A 102 -17.29 5.71 -38.83
CA SER A 102 -18.33 5.54 -37.81
C SER A 102 -19.75 5.63 -38.37
N ASP A 103 -20.69 4.92 -37.74
CA ASP A 103 -22.13 5.12 -38.02
C ASP A 103 -22.72 6.38 -37.37
N VAL A 104 -21.96 7.02 -36.48
CA VAL A 104 -22.35 8.30 -35.85
C VAL A 104 -21.26 9.37 -36.06
N PRO A 105 -21.04 9.78 -37.33
CA PRO A 105 -19.96 10.73 -37.62
C PRO A 105 -20.21 12.11 -37.03
N HIS A 106 -21.47 12.52 -36.92
CA HIS A 106 -21.87 13.70 -36.12
C HIS A 106 -21.15 13.78 -34.76
N LEU A 107 -21.07 12.65 -34.05
CA LEU A 107 -20.34 12.57 -32.78
C LEU A 107 -18.84 12.96 -32.83
N PHE A 108 -18.24 13.00 -34.02
CA PHE A 108 -16.82 13.37 -34.19
C PHE A 108 -16.62 14.59 -35.09
N SER A 109 -17.59 15.49 -35.15
CA SER A 109 -17.48 16.66 -36.05
C SER A 109 -16.30 17.58 -35.69
N ASN A 110 -16.19 17.94 -34.41
CA ASN A 110 -15.12 18.84 -33.95
C ASN A 110 -13.83 18.12 -33.57
N ALA A 111 -13.83 16.79 -33.60
CA ALA A 111 -12.68 16.00 -33.13
C ALA A 111 -11.39 16.25 -33.90
N ARG A 112 -11.49 16.60 -35.17
CA ARG A 112 -10.29 16.81 -35.98
C ARG A 112 -9.56 18.06 -35.53
N GLU A 113 -10.31 19.13 -35.25
CA GLU A 113 -9.73 20.37 -34.75
C GLU A 113 -9.27 20.20 -33.29
N GLN A 114 -10.20 19.81 -32.42
CA GLN A 114 -9.97 19.67 -30.97
C GLN A 114 -8.77 18.80 -30.59
N TRP A 115 -8.65 17.63 -31.19
CA TRP A 115 -7.60 16.68 -30.80
C TRP A 115 -6.22 16.97 -31.43
N LYS A 116 -6.08 18.13 -32.08
CA LYS A 116 -4.76 18.61 -32.50
C LYS A 116 -3.95 19.09 -31.28
N CYS A 117 -4.60 19.72 -30.29
CA CYS A 117 -3.89 20.11 -29.04
C CYS A 117 -3.47 18.93 -28.17
N ASP A 118 -4.11 17.77 -28.35
CA ASP A 118 -3.68 16.53 -27.72
C ASP A 118 -2.59 15.81 -28.53
N GLY A 119 -2.16 16.43 -29.63
CA GLY A 119 -1.10 15.93 -30.48
C GLY A 119 -1.54 14.80 -31.37
N VAL A 120 -2.86 14.72 -31.66
CA VAL A 120 -3.47 13.61 -32.39
C VAL A 120 -3.93 14.05 -33.78
N PHE A 121 -3.24 13.55 -34.81
CA PHE A 121 -3.50 13.90 -36.22
C PHE A 121 -4.54 12.94 -36.80
N VAL A 122 -5.79 13.40 -36.89
CA VAL A 122 -6.88 12.63 -37.51
C VAL A 122 -7.29 13.27 -38.83
N SER A 123 -6.95 12.62 -39.94
CA SER A 123 -7.17 13.19 -41.27
C SER A 123 -8.65 13.34 -41.65
N HIS A 124 -9.46 12.31 -41.44
CA HIS A 124 -10.85 12.33 -41.90
C HIS A 124 -11.79 11.62 -40.97
N ILE A 125 -12.96 12.22 -40.73
CA ILE A 125 -14.10 11.53 -40.18
C ILE A 125 -14.94 10.99 -41.33
N ILE A 126 -15.08 9.68 -41.39
CA ILE A 126 -15.77 8.99 -42.46
C ILE A 126 -17.08 8.34 -41.96
N ASP A 127 -18.14 8.43 -42.77
CA ASP A 127 -19.42 7.79 -42.50
C ASP A 127 -19.35 6.38 -43.06
N ILE A 128 -19.85 5.40 -42.29
CA ILE A 128 -19.95 4.01 -42.75
C ILE A 128 -20.85 3.89 -44.01
N LYS A 129 -21.83 4.79 -44.15
CA LYS A 129 -22.70 4.85 -45.34
C LYS A 129 -22.00 5.22 -46.66
N ASP A 130 -20.81 5.82 -46.62
CA ASP A 130 -20.08 6.24 -47.83
C ASP A 130 -19.58 5.05 -48.66
N ASN A 131 -19.41 5.28 -49.96
CA ASN A 131 -18.85 4.31 -50.91
C ASN A 131 -17.52 4.84 -51.48
N ASN A 132 -16.66 3.92 -51.91
CA ASN A 132 -15.35 4.27 -52.47
C ASN A 132 -14.48 5.08 -51.50
N ILE A 133 -14.54 4.73 -50.20
CA ILE A 133 -13.69 5.34 -49.17
C ILE A 133 -12.30 4.75 -49.33
N ASN A 134 -11.29 5.60 -49.52
CA ASN A 134 -9.90 5.17 -49.67
C ASN A 134 -9.10 5.48 -48.40
N VAL A 135 -7.92 4.88 -48.27
CA VAL A 135 -7.03 5.06 -47.10
C VAL A 135 -5.55 4.95 -47.52
N SER A 136 -4.75 5.94 -47.10
CA SER A 136 -3.31 5.94 -47.36
C SER A 136 -2.59 4.81 -46.63
N ASP A 137 -1.34 4.59 -47.03
CA ASP A 137 -0.47 3.58 -46.39
C ASP A 137 -0.10 4.03 -44.99
N SER A 138 -0.01 3.09 -44.07
CA SER A 138 0.38 3.36 -42.69
C SER A 138 -0.63 4.26 -41.97
N THR A 139 -1.91 3.92 -42.11
CA THR A 139 -3.00 4.61 -41.44
C THR A 139 -3.55 3.73 -40.34
N LEU A 140 -4.08 4.35 -39.29
CA LEU A 140 -4.80 3.64 -38.25
C LEU A 140 -6.30 3.88 -38.44
N ILE A 141 -7.07 2.81 -38.66
CA ILE A 141 -8.50 2.94 -38.89
C ILE A 141 -9.25 2.67 -37.57
N TRP A 142 -9.89 3.70 -37.05
CA TRP A 142 -10.78 3.57 -35.92
C TRP A 142 -12.24 3.45 -36.41
N LEU A 143 -12.77 2.24 -36.34
CA LEU A 143 -14.18 1.96 -36.61
C LEU A 143 -14.98 2.00 -35.30
N HIS A 144 -15.75 3.08 -35.11
CA HIS A 144 -16.70 3.20 -33.99
C HIS A 144 -18.13 2.91 -34.43
N LEU A 145 -18.83 2.03 -33.72
CA LEU A 145 -20.19 1.64 -34.05
C LEU A 145 -21.12 1.66 -32.84
N GLU A 146 -22.14 2.51 -32.88
CA GLU A 146 -23.25 2.44 -31.92
C GLU A 146 -24.22 1.31 -32.23
N ASN A 147 -24.49 1.09 -33.52
CA ASN A 147 -25.28 -0.04 -33.96
C ASN A 147 -24.35 -1.08 -34.56
N TYR A 148 -24.04 -2.11 -33.78
CA TYR A 148 -23.07 -3.12 -34.19
C TYR A 148 -23.62 -4.13 -35.22
N HIS A 149 -22.76 -4.53 -36.14
CA HIS A 149 -23.03 -5.67 -36.99
C HIS A 149 -21.69 -6.19 -37.51
N SER A 150 -21.48 -7.49 -37.38
CA SER A 150 -20.20 -8.11 -37.75
C SER A 150 -19.83 -7.85 -39.22
N ASP A 151 -20.84 -7.84 -40.07
CA ASP A 151 -20.64 -7.62 -41.50
C ASP A 151 -20.02 -6.26 -41.80
N ILE A 152 -20.36 -5.25 -40.98
CA ILE A 152 -19.74 -3.91 -41.12
C ILE A 152 -18.22 -4.05 -41.01
N VAL A 153 -17.75 -4.75 -39.97
CA VAL A 153 -16.32 -4.99 -39.74
C VAL A 153 -15.69 -5.83 -40.89
N LYS A 154 -16.36 -6.90 -41.29
CA LYS A 154 -15.91 -7.70 -42.43
C LYS A 154 -15.68 -6.85 -43.68
N ARG A 155 -16.61 -5.94 -43.96
CA ARG A 155 -16.48 -5.01 -45.09
C ARG A 155 -15.21 -4.15 -44.98
N ILE A 156 -14.98 -3.60 -43.80
CA ILE A 156 -13.83 -2.74 -43.57
C ILE A 156 -12.52 -3.53 -43.66
N TYR A 157 -12.49 -4.74 -43.12
CA TYR A 157 -11.30 -5.60 -43.21
C TYR A 157 -11.05 -6.02 -44.65
N SER A 158 -12.11 -6.44 -45.32
CA SER A 158 -12.07 -6.82 -46.73
C SER A 158 -11.40 -5.73 -47.57
N LYS A 159 -11.87 -4.49 -47.39
CA LYS A 159 -11.33 -3.32 -48.09
C LYS A 159 -9.87 -3.05 -47.73
N PHE A 160 -9.55 -2.99 -46.44
CA PHE A 160 -8.26 -2.42 -46.03
C PHE A 160 -7.20 -3.38 -45.47
N GLU A 161 -7.54 -4.64 -45.19
CA GLU A 161 -6.58 -5.60 -44.61
C GLU A 161 -5.23 -5.71 -45.29
N SER A 162 -5.18 -5.53 -46.61
CA SER A 162 -3.93 -5.60 -47.37
C SER A 162 -3.27 -4.25 -47.63
N ASN A 163 -3.88 -3.13 -47.24
CA ASN A 163 -3.22 -1.81 -47.25
C ASN A 163 -1.91 -1.87 -46.46
N PRO A 164 -0.78 -1.46 -47.07
CA PRO A 164 0.52 -1.40 -46.38
C PRO A 164 0.53 -0.58 -45.10
N GLY A 165 1.11 -1.17 -44.07
CA GLY A 165 1.28 -0.53 -42.76
C GLY A 165 0.01 -0.26 -42.00
N VAL A 166 -1.11 -0.84 -42.46
CA VAL A 166 -2.43 -0.52 -41.93
C VAL A 166 -2.58 -1.15 -40.56
N ALA A 167 -3.47 -0.59 -39.76
CA ALA A 167 -3.86 -1.22 -38.51
C ALA A 167 -5.25 -0.71 -38.17
N PHE A 168 -5.98 -1.49 -37.38
CA PHE A 168 -7.36 -1.19 -37.07
C PHE A 168 -7.59 -1.21 -35.56
N ILE A 169 -8.47 -0.31 -35.12
CA ILE A 169 -9.09 -0.41 -33.81
C ILE A 169 -10.59 -0.42 -34.10
N GLN A 170 -11.34 -1.13 -33.25
CA GLN A 170 -12.78 -1.16 -33.33
C GLN A 170 -13.32 -0.78 -31.96
N SER A 171 -14.37 0.04 -31.95
CA SER A 171 -15.09 0.34 -30.73
C SER A 171 -16.59 0.14 -30.94
N TYR A 172 -17.24 -0.37 -29.91
CA TYR A 172 -18.63 -0.79 -29.97
C TYR A 172 -19.09 -1.07 -28.54
N TYR A 173 -20.39 -1.20 -28.34
CA TYR A 173 -20.94 -1.40 -27.01
C TYR A 173 -21.50 -2.79 -26.88
N LEU A 174 -21.43 -3.33 -25.66
CA LEU A 174 -21.88 -4.67 -25.34
C LEU A 174 -22.35 -4.71 -23.91
N LYS A 175 -23.56 -5.20 -23.69
CA LYS A 175 -24.27 -5.08 -22.42
C LYS A 175 -24.14 -3.63 -21.87
N GLU A 176 -23.45 -3.43 -20.75
CA GLU A 176 -23.35 -2.11 -20.14
C GLU A 176 -21.95 -1.53 -20.33
N SER A 177 -21.20 -2.09 -21.27
CA SER A 177 -19.78 -1.86 -21.40
C SER A 177 -19.44 -1.16 -22.72
N PHE A 178 -18.35 -0.39 -22.70
CA PHE A 178 -17.81 0.20 -23.91
C PHE A 178 -16.52 -0.50 -24.21
N ARG A 179 -16.50 -1.17 -25.36
CA ARG A 179 -15.41 -2.03 -25.76
C ARG A 179 -14.53 -1.32 -26.76
N ILE A 180 -13.24 -1.25 -26.47
CA ILE A 180 -12.24 -0.80 -27.43
C ILE A 180 -11.31 -2.00 -27.62
N ASP A 181 -11.35 -2.60 -28.80
CA ASP A 181 -10.52 -3.77 -29.09
C ASP A 181 -9.06 -3.36 -29.10
N GLY A 182 -8.19 -4.31 -28.84
CA GLY A 182 -6.78 -4.16 -29.15
C GLY A 182 -6.53 -3.85 -30.62
N VAL A 183 -5.32 -3.39 -30.89
CA VAL A 183 -4.92 -2.94 -32.21
C VAL A 183 -4.70 -4.18 -33.07
N TYR A 184 -5.45 -4.25 -34.18
CA TYR A 184 -5.31 -5.33 -35.17
C TYR A 184 -4.33 -4.86 -36.23
N SER A 185 -3.08 -5.29 -36.11
CA SER A 185 -2.05 -5.01 -37.09
C SER A 185 -1.66 -6.28 -37.84
N PRO A 186 -2.11 -6.43 -39.10
CA PRO A 186 -1.68 -7.57 -39.90
C PRO A 186 -0.14 -7.75 -39.96
N ASP A 187 0.60 -6.64 -40.07
CA ASP A 187 2.07 -6.64 -39.98
C ASP A 187 2.60 -7.22 -38.65
N LEU A 188 2.05 -6.77 -37.53
CA LEU A 188 2.52 -7.21 -36.20
C LEU A 188 1.92 -8.56 -35.74
N GLY A 189 0.85 -9.01 -36.40
CA GLY A 189 0.30 -10.33 -36.16
C GLY A 189 -0.63 -10.41 -34.99
N THR A 190 -1.33 -9.32 -34.71
CA THR A 190 -2.15 -9.21 -33.50
C THR A 190 -3.60 -9.64 -33.72
N PRO A 191 -4.30 -10.02 -32.65
CA PRO A 191 -5.70 -10.41 -32.78
C PRO A 191 -6.62 -9.37 -33.42
N CYS A 192 -7.53 -9.85 -34.26
CA CYS A 192 -8.50 -9.01 -34.95
C CYS A 192 -9.77 -8.80 -34.11
N HIS A 193 -10.76 -8.07 -34.65
CA HIS A 193 -12.03 -7.84 -33.96
C HIS A 193 -12.69 -9.12 -33.48
N PHE A 194 -12.66 -10.14 -34.32
CA PHE A 194 -13.44 -11.36 -34.07
C PHE A 194 -12.84 -12.24 -32.99
N CYS A 195 -11.51 -12.19 -32.85
CA CYS A 195 -10.83 -12.73 -31.69
C CYS A 195 -11.29 -12.09 -30.37
N HIS A 196 -11.56 -10.79 -30.39
CA HIS A 196 -12.04 -10.06 -29.21
C HIS A 196 -13.46 -10.39 -28.83
N ILE A 197 -14.38 -10.19 -29.77
CA ILE A 197 -15.82 -10.39 -29.54
C ILE A 197 -16.14 -11.81 -29.09
N GLU A 198 -15.38 -12.80 -29.58
CA GLU A 198 -15.48 -14.18 -29.08
C GLU A 198 -14.97 -14.38 -27.64
N ARG A 199 -13.90 -13.68 -27.25
CA ARG A 199 -13.48 -13.63 -25.85
C ARG A 199 -14.61 -13.13 -24.96
N TRP A 200 -15.26 -12.06 -25.37
CA TRP A 200 -16.31 -11.43 -24.56
C TRP A 200 -17.57 -12.28 -24.51
N LEU A 201 -18.00 -12.84 -25.63
CA LEU A 201 -19.24 -13.64 -25.62
C LEU A 201 -19.14 -14.95 -24.82
N SER A 202 -17.98 -15.62 -24.86
CA SER A 202 -17.76 -16.77 -23.98
C SER A 202 -17.86 -16.30 -22.54
N ARG A 203 -17.11 -15.28 -22.20
CA ARG A 203 -17.13 -14.75 -20.83
C ARG A 203 -18.56 -14.43 -20.31
N GLU A 204 -19.42 -13.90 -21.18
CA GLU A 204 -20.77 -13.48 -20.78
C GLU A 204 -21.75 -14.65 -20.54
N GLU A 205 -21.43 -15.84 -21.05
CA GLU A 205 -22.34 -16.99 -20.90
C GLU A 205 -22.17 -17.71 -19.56
N LYS A 206 -23.25 -18.31 -19.07
CA LYS A 206 -23.27 -19.03 -17.79
C LYS A 206 -22.83 -20.47 -17.99
N SER A 207 -21.52 -20.64 -18.14
CA SER A 207 -20.86 -21.95 -18.28
C SER A 207 -20.00 -22.34 -17.06
N PHE A 208 -19.47 -21.35 -16.32
CA PHE A 208 -18.46 -21.56 -15.26
C PHE A 208 -17.20 -22.27 -15.78
N ARG A 209 -16.88 -21.98 -17.05
CA ARG A 209 -15.82 -22.64 -17.82
C ARG A 209 -15.26 -21.67 -18.87
N ARG A 210 -13.94 -21.62 -19.00
CA ARG A 210 -13.25 -20.67 -19.89
C ARG A 210 -13.46 -20.99 -21.38
N ASN A 211 -13.21 -22.25 -21.74
CA ASN A 211 -13.44 -22.73 -23.10
C ASN A 211 -14.95 -22.82 -23.37
N GLU A 212 -15.41 -22.14 -24.42
CA GLU A 212 -16.84 -22.04 -24.76
C GLU A 212 -17.23 -22.94 -25.94
N MET A 213 -16.97 -24.25 -25.84
CA MET A 213 -17.13 -25.19 -26.96
C MET A 213 -17.85 -26.48 -26.61
N SER A 214 -19.06 -26.61 -27.14
CA SER A 214 -19.84 -27.83 -27.15
C SER A 214 -20.24 -28.13 -28.59
N TRP A 215 -21.01 -29.20 -28.78
CA TRP A 215 -21.68 -29.43 -30.06
C TRP A 215 -22.75 -28.38 -30.38
N ALA A 216 -23.25 -27.69 -29.34
CA ALA A 216 -24.12 -26.51 -29.55
C ALA A 216 -23.42 -25.43 -30.36
N ASN A 217 -22.18 -25.11 -29.96
CA ASN A 217 -21.34 -24.15 -30.70
C ASN A 217 -20.92 -24.64 -32.09
N LEU A 218 -20.58 -25.92 -32.20
CA LEU A 218 -20.18 -26.52 -33.49
C LEU A 218 -21.27 -26.41 -34.56
N LEU A 219 -22.50 -26.64 -34.14
CA LEU A 219 -23.67 -26.48 -35.00
C LEU A 219 -23.89 -25.01 -35.38
N GLN A 220 -23.63 -24.09 -34.45
CA GLN A 220 -23.74 -22.65 -34.72
C GLN A 220 -22.77 -22.23 -35.82
N LEU A 221 -21.55 -22.78 -35.76
CA LEU A 221 -20.52 -22.51 -36.78
C LEU A 221 -20.88 -22.93 -38.22
N LEU A 222 -21.83 -23.86 -38.38
CA LEU A 222 -22.37 -24.23 -39.70
C LEU A 222 -23.12 -23.11 -40.41
N LYS A 223 -23.73 -22.18 -39.64
CA LYS A 223 -24.50 -21.06 -40.18
C LYS A 223 -23.55 -19.92 -40.52
N LYS A 224 -23.94 -19.10 -41.50
CA LYS A 224 -23.15 -17.93 -41.90
C LYS A 224 -22.89 -17.03 -40.70
N TYR A 225 -21.61 -16.72 -40.46
CA TYR A 225 -21.19 -15.89 -39.34
C TYR A 225 -21.70 -14.46 -39.51
N GLN A 226 -22.87 -14.21 -38.92
CA GLN A 226 -23.36 -12.85 -38.75
C GLN A 226 -24.03 -12.71 -37.40
N MET A 227 -23.87 -11.52 -36.79
CA MET A 227 -24.47 -11.25 -35.49
C MET A 227 -24.55 -9.77 -35.14
N THR A 228 -25.36 -9.51 -34.12
CA THR A 228 -25.49 -8.23 -33.47
C THR A 228 -25.24 -8.46 -31.96
N LEU A 229 -25.31 -7.39 -31.16
CA LEU A 229 -25.08 -7.49 -29.71
C LEU A 229 -26.19 -6.79 -28.91
N PRO A 230 -26.55 -7.31 -27.71
CA PRO A 230 -27.42 -6.52 -26.82
C PRO A 230 -26.61 -5.46 -26.08
N ALA A 231 -27.15 -4.25 -25.97
CA ALA A 231 -26.48 -3.18 -25.23
C ALA A 231 -27.48 -2.08 -24.86
N LEU A 232 -27.24 -1.41 -23.73
CA LEU A 232 -28.20 -0.46 -23.16
C LEU A 232 -28.19 0.86 -23.91
N ALA A 233 -29.23 1.66 -23.68
CA ALA A 233 -29.44 2.89 -24.43
C ALA A 233 -28.45 3.94 -23.98
N LEU A 234 -27.74 4.53 -24.94
CA LEU A 234 -26.68 5.50 -24.68
C LEU A 234 -27.29 6.87 -24.55
N GLY A 235 -26.83 7.64 -23.58
CA GLY A 235 -27.16 9.07 -23.46
C GLY A 235 -26.03 9.90 -24.02
N GLU A 236 -26.11 11.21 -23.84
CA GLU A 236 -25.02 12.11 -24.20
C GLU A 236 -23.80 11.81 -23.34
N SER A 237 -24.04 11.55 -22.05
CA SER A 237 -22.96 11.30 -21.09
C SER A 237 -22.18 10.03 -21.43
N GLU A 238 -22.87 8.95 -21.78
CA GLU A 238 -22.19 7.72 -22.21
C GLU A 238 -21.36 7.95 -23.48
N ARG A 239 -21.87 8.80 -24.40
CA ARG A 239 -21.09 9.22 -25.57
C ARG A 239 -19.93 10.17 -25.21
N GLY A 240 -20.16 11.07 -24.25
CA GLY A 240 -19.13 11.97 -23.74
C GLY A 240 -18.00 11.20 -23.07
N PHE A 241 -18.37 10.13 -22.37
CA PHE A 241 -17.41 9.18 -21.78
C PHE A 241 -16.63 8.49 -22.88
N SER A 242 -17.36 7.95 -23.85
CA SER A 242 -16.76 7.21 -24.97
C SER A 242 -15.81 8.07 -25.83
N TYR A 243 -16.23 9.30 -26.10
CA TYR A 243 -15.42 10.26 -26.85
C TYR A 243 -14.05 10.48 -26.19
N HIS A 244 -14.04 10.61 -24.86
CA HIS A 244 -12.81 10.86 -24.12
C HIS A 244 -11.88 9.65 -24.12
N LEU A 245 -12.44 8.45 -23.93
CA LEU A 245 -11.65 7.21 -24.00
C LEU A 245 -11.03 6.99 -25.37
N ILE A 246 -11.81 7.28 -26.43
CA ILE A 246 -11.31 7.18 -27.80
C ILE A 246 -10.14 8.13 -27.99
N LYS A 247 -10.26 9.36 -27.52
CA LYS A 247 -9.20 10.34 -27.69
C LYS A 247 -7.93 9.88 -26.99
N ARG A 248 -8.08 9.47 -25.73
CA ARG A 248 -6.94 9.07 -24.93
C ARG A 248 -6.24 7.85 -25.48
N ARG A 249 -7.02 6.92 -26.02
CA ARG A 249 -6.43 5.74 -26.65
C ARG A 249 -5.68 6.09 -27.94
N LEU A 250 -6.25 6.98 -28.76
CA LEU A 250 -5.58 7.53 -29.95
C LEU A 250 -4.34 8.34 -29.57
N GLN A 251 -4.41 9.02 -28.43
CA GLN A 251 -3.29 9.81 -27.90
C GLN A 251 -2.13 8.94 -27.42
N GLU A 252 -2.44 7.85 -26.71
CA GLU A 252 -1.43 6.86 -26.33
C GLU A 252 -0.72 6.31 -27.55
N LEU A 253 -1.50 5.94 -28.56
CA LEU A 253 -0.98 5.25 -29.73
C LEU A 253 -0.24 6.18 -30.66
N THR A 254 -0.83 7.33 -30.99
CA THR A 254 -0.32 8.21 -32.06
C THR A 254 -0.10 9.66 -31.70
N GLY A 255 -0.29 10.02 -30.43
CA GLY A 255 -0.37 11.43 -30.04
C GLY A 255 0.70 11.85 -29.07
N THR A 256 0.48 13.02 -28.45
CA THR A 256 1.37 13.48 -27.40
C THR A 256 1.24 12.52 -26.20
N SER A 257 2.31 11.77 -25.95
CA SER A 257 2.41 10.91 -24.79
C SER A 257 2.46 11.79 -23.58
N LEU A 258 1.58 11.54 -22.61
CA LEU A 258 1.64 12.17 -21.29
C LEU A 258 2.11 11.23 -20.19
N VAL A 259 1.76 9.95 -20.29
CA VAL A 259 2.21 8.92 -19.35
C VAL A 259 2.53 7.70 -20.18
N LYS A 260 3.79 7.25 -20.17
CA LYS A 260 4.20 6.07 -20.94
C LYS A 260 3.40 4.84 -20.48
N SER A 261 3.06 3.98 -21.42
CA SER A 261 2.38 2.71 -21.15
C SER A 261 3.44 1.62 -21.09
N HIS A 262 3.25 0.63 -20.22
CA HIS A 262 4.15 -0.53 -20.23
C HIS A 262 3.99 -1.29 -21.55
N VAL A 263 5.07 -1.93 -21.97
CA VAL A 263 5.07 -2.69 -23.23
C VAL A 263 4.17 -3.93 -23.21
N ASP A 264 3.80 -4.44 -22.04
CA ASP A 264 2.94 -5.62 -21.94
C ASP A 264 1.44 -5.33 -22.04
N ASN A 265 1.04 -4.06 -22.13
CA ASN A 265 -0.37 -3.73 -22.37
C ASN A 265 -0.61 -2.56 -23.31
N PHE A 266 0.35 -2.29 -24.17
CA PHE A 266 0.29 -1.11 -25.03
C PHE A 266 -0.71 -1.29 -26.16
N MET A 267 -0.75 -2.50 -26.70
CA MET A 267 -1.59 -2.88 -27.84
C MET A 267 -2.98 -3.40 -27.44
N SER A 268 -3.20 -3.58 -26.14
CA SER A 268 -4.28 -4.41 -25.64
C SER A 268 -5.67 -3.75 -25.61
N SER A 269 -6.68 -4.58 -25.40
CA SER A 269 -8.06 -4.11 -25.36
C SER A 269 -8.28 -3.28 -24.09
N VAL A 270 -9.24 -2.36 -24.15
CA VAL A 270 -9.67 -1.57 -23.00
C VAL A 270 -11.19 -1.69 -22.96
N SER A 271 -11.72 -2.10 -21.81
CA SER A 271 -13.16 -2.26 -21.66
C SER A 271 -13.60 -1.41 -20.49
N ALA A 272 -14.71 -0.71 -20.64
CA ALA A 272 -15.16 0.21 -19.61
C ALA A 272 -16.58 -0.08 -19.23
N ASP A 273 -16.86 -0.21 -17.94
CA ASP A 273 -18.24 -0.33 -17.46
C ASP A 273 -18.85 1.07 -17.40
N LEU A 274 -19.96 1.26 -18.10
CA LEU A 274 -20.60 2.57 -18.18
C LEU A 274 -21.37 2.92 -16.91
N ILE A 275 -21.76 1.91 -16.14
CA ILE A 275 -22.31 2.16 -14.80
C ILE A 275 -21.19 2.62 -13.86
N THR A 276 -20.28 1.72 -13.49
CA THR A 276 -19.25 2.03 -12.47
C THR A 276 -18.12 2.92 -12.96
N CYS A 277 -17.98 3.09 -14.28
CA CYS A 277 -16.88 3.84 -14.91
C CYS A 277 -15.49 3.24 -14.70
N ILE A 278 -15.43 1.94 -14.38
CA ILE A 278 -14.16 1.22 -14.21
C ILE A 278 -13.63 0.74 -15.57
N LEU A 279 -12.34 0.98 -15.82
CA LEU A 279 -11.64 0.49 -17.01
C LEU A 279 -11.02 -0.87 -16.74
N CYS A 280 -10.88 -1.65 -17.80
CA CYS A 280 -10.19 -2.91 -17.71
C CYS A 280 -9.36 -3.16 -18.97
N LYS A 281 -8.03 -3.11 -18.83
CA LYS A 281 -7.08 -3.35 -19.91
C LYS A 281 -6.70 -4.82 -19.94
N GLU A 282 -7.09 -5.54 -20.98
CA GLU A 282 -6.81 -6.98 -21.12
C GLU A 282 -6.23 -7.35 -22.50
N PRO A 283 -5.07 -8.05 -22.55
CA PRO A 283 -4.61 -8.60 -23.80
C PRO A 283 -5.38 -9.88 -24.12
N VAL A 284 -5.82 -10.01 -25.37
CA VAL A 284 -6.67 -11.13 -25.77
C VAL A 284 -5.86 -12.05 -26.66
N ILE A 285 -6.14 -13.36 -26.59
CA ILE A 285 -5.53 -14.33 -27.50
C ILE A 285 -6.28 -14.48 -28.83
N HIS A 286 -5.58 -15.01 -29.83
CA HIS A 286 -6.22 -15.43 -31.08
C HIS A 286 -7.27 -16.51 -30.80
N TRP A 287 -8.48 -16.27 -31.29
CA TRP A 287 -9.54 -17.30 -31.36
C TRP A 287 -9.13 -18.43 -32.30
N GLN A 288 -9.18 -19.66 -31.81
CA GLN A 288 -8.80 -20.82 -32.62
C GLN A 288 -9.49 -20.88 -34.00
N ALA A 289 -10.78 -20.51 -34.02
CA ALA A 289 -11.57 -20.54 -35.25
C ALA A 289 -11.38 -19.35 -36.19
N CYS A 290 -10.90 -18.22 -35.69
CA CYS A 290 -10.70 -17.02 -36.53
C CYS A 290 -9.63 -17.22 -37.59
N SER A 291 -9.74 -16.49 -38.68
CA SER A 291 -8.81 -16.63 -39.81
C SER A 291 -7.80 -15.49 -39.97
N CYS A 292 -7.83 -14.48 -39.09
CA CYS A 292 -6.91 -13.35 -39.18
C CYS A 292 -5.41 -13.72 -39.33
N LEU A 293 -4.97 -14.85 -38.76
CA LEU A 293 -3.58 -15.29 -38.84
C LEU A 293 -3.24 -15.86 -40.21
N GLU A 294 -4.21 -16.54 -40.82
CA GLU A 294 -4.01 -17.23 -42.08
C GLU A 294 -3.98 -16.27 -43.25
N ARG A 295 -4.56 -15.08 -43.08
CA ARG A 295 -4.53 -14.04 -44.11
C ARG A 295 -3.16 -13.34 -44.14
N MET B 12 -36.07 3.10 13.73
CA MET B 12 -35.91 4.59 13.69
C MET B 12 -34.61 5.01 14.38
N ILE B 13 -34.47 4.62 15.65
CA ILE B 13 -33.42 5.15 16.56
C ILE B 13 -32.13 4.32 16.57
N ASN B 14 -31.01 4.95 16.17
CA ASN B 14 -29.70 4.30 16.05
C ASN B 14 -28.81 4.56 17.27
N ILE B 15 -28.43 3.49 17.98
CA ILE B 15 -27.49 3.57 19.11
C ILE B 15 -26.06 3.75 18.61
N LEU B 16 -25.50 4.94 18.81
CA LEU B 16 -24.15 5.31 18.31
C LEU B 16 -23.01 4.67 19.14
N PRO B 17 -21.76 4.69 18.63
CA PRO B 17 -20.63 4.14 19.38
C PRO B 17 -20.19 5.02 20.55
N PHE B 18 -19.80 4.37 21.66
CA PHE B 18 -19.27 5.09 22.83
C PHE B 18 -18.46 4.17 23.75
N GLU B 19 -17.77 4.80 24.71
CA GLU B 19 -17.01 4.09 25.74
C GLU B 19 -17.44 4.58 27.11
N ILE B 20 -17.23 3.72 28.11
CA ILE B 20 -17.48 4.06 29.52
C ILE B 20 -16.35 3.53 30.43
N ILE B 21 -15.41 4.43 30.77
CA ILE B 21 -14.40 4.19 31.79
C ILE B 21 -15.10 4.29 33.15
N SER B 22 -14.98 3.26 33.98
CA SER B 22 -15.64 3.28 35.30
C SER B 22 -14.72 2.64 36.35
N ARG B 23 -14.46 3.38 37.44
CA ARG B 23 -13.35 3.05 38.34
C ARG B 23 -13.77 3.12 39.83
N ASN B 24 -13.12 3.94 40.66
CA ASN B 24 -13.42 4.00 42.10
C ASN B 24 -14.71 4.81 42.41
N THR B 25 -15.87 4.19 42.14
CA THR B 25 -17.22 4.80 42.34
C THR B 25 -17.70 5.70 41.18
N LYS B 26 -16.77 6.30 40.43
CA LYS B 26 -17.08 7.28 39.39
C LYS B 26 -17.15 6.61 38.04
N THR B 27 -17.98 7.17 37.14
CA THR B 27 -18.22 6.59 35.79
C THR B 27 -18.21 7.67 34.69
N LEU B 28 -17.39 7.48 33.66
CA LEU B 28 -17.18 8.48 32.59
C LEU B 28 -17.75 8.00 31.25
N LEU B 29 -18.71 8.74 30.70
CA LEU B 29 -19.23 8.49 29.35
C LEU B 29 -18.49 9.38 28.36
N ILE B 30 -17.84 8.77 27.37
CA ILE B 30 -17.22 9.51 26.27
C ILE B 30 -17.86 9.07 24.95
N THR B 31 -18.42 10.05 24.24
CA THR B 31 -19.07 9.82 22.95
C THR B 31 -18.20 10.51 21.91
N TYR B 32 -18.69 10.56 20.68
CA TYR B 32 -17.98 11.23 19.59
C TYR B 32 -17.86 12.73 19.83
N ILE B 33 -18.85 13.29 20.50
CA ILE B 33 -19.04 14.74 20.65
C ILE B 33 -18.82 15.29 22.08
N SER B 34 -18.91 14.44 23.10
CA SER B 34 -19.10 14.89 24.48
C SER B 34 -18.43 13.96 25.52
N SER B 35 -18.21 14.52 26.72
CA SER B 35 -17.64 13.79 27.88
C SER B 35 -18.47 14.09 29.12
N VAL B 36 -18.94 13.06 29.81
CA VAL B 36 -19.90 13.24 30.89
C VAL B 36 -19.62 12.39 32.14
N ASP B 37 -19.73 13.04 33.31
CA ASP B 37 -19.59 12.35 34.58
C ASP B 37 -20.97 11.76 34.93
N ILE B 38 -21.08 10.44 34.82
CA ILE B 38 -22.33 9.72 35.04
C ILE B 38 -22.54 9.56 36.55
N THR B 39 -23.45 10.36 37.08
CA THR B 39 -23.70 10.44 38.52
C THR B 39 -24.58 9.29 38.97
N HIS B 40 -25.80 9.23 38.43
CA HIS B 40 -26.82 8.29 38.89
C HIS B 40 -26.52 6.86 38.42
N GLU B 41 -26.68 5.90 39.33
CA GLU B 41 -26.26 4.50 39.11
C GLU B 41 -27.13 3.72 38.12
N GLY B 42 -28.40 4.09 37.99
CA GLY B 42 -29.30 3.47 37.01
C GLY B 42 -28.96 3.84 35.58
N MET B 43 -28.42 5.04 35.40
CA MET B 43 -27.86 5.48 34.11
C MET B 43 -26.58 4.71 33.74
N LYS B 44 -25.80 4.32 34.75
CA LYS B 44 -24.68 3.39 34.54
C LYS B 44 -25.18 2.05 33.96
N LYS B 45 -26.31 1.54 34.48
CA LYS B 45 -26.98 0.33 33.95
C LYS B 45 -27.58 0.52 32.54
N VAL B 46 -28.22 1.66 32.33
CA VAL B 46 -28.74 2.06 31.01
C VAL B 46 -27.60 2.07 29.99
N LEU B 47 -26.53 2.78 30.33
CA LEU B 47 -25.35 2.88 29.45
C LEU B 47 -24.54 1.58 29.36
N GLU B 48 -24.53 0.77 30.41
CA GLU B 48 -23.90 -0.57 30.37
C GLU B 48 -24.60 -1.43 29.31
N SER B 49 -25.92 -1.54 29.44
CA SER B 49 -26.76 -2.29 28.52
C SER B 49 -26.60 -1.76 27.11
N LEU B 50 -26.87 -0.46 26.93
CA LEU B 50 -26.84 0.20 25.61
C LEU B 50 -25.50 0.13 24.88
N ARG B 51 -24.40 -0.10 25.61
CA ARG B 51 -23.09 -0.38 24.99
C ARG B 51 -23.12 -1.69 24.18
N SER B 52 -23.96 -2.64 24.60
CA SER B 52 -24.16 -3.90 23.88
C SER B 52 -24.83 -3.77 22.51
N LYS B 53 -25.71 -2.77 22.34
CA LYS B 53 -26.39 -2.54 21.05
C LYS B 53 -25.41 -2.06 19.98
N GLN B 54 -25.80 -2.25 18.72
CA GLN B 54 -24.90 -2.01 17.58
C GLN B 54 -25.37 -0.93 16.61
N GLY B 55 -26.46 -0.22 16.93
CA GLY B 55 -27.05 0.79 16.03
C GLY B 55 -28.40 0.36 15.45
N ILE B 56 -29.36 0.11 16.33
CA ILE B 56 -30.73 -0.30 15.95
C ILE B 56 -31.60 -0.48 17.18
N ILE B 57 -32.68 0.28 17.27
CA ILE B 57 -33.70 0.07 18.29
C ILE B 57 -34.97 0.85 17.96
N SER B 58 -36.12 0.22 18.18
CA SER B 58 -37.41 0.91 18.21
C SER B 58 -37.53 1.53 19.59
N GLU B 59 -38.19 2.70 19.68
CA GLU B 59 -38.38 3.40 20.96
C GLU B 59 -38.98 2.50 22.04
N TYR B 60 -39.80 1.52 21.64
CA TYR B 60 -40.31 0.48 22.54
C TYR B 60 -39.16 -0.25 23.25
N LEU B 61 -38.16 -0.65 22.47
CA LEU B 61 -36.93 -1.26 23.01
C LEU B 61 -36.23 -0.31 23.99
N LEU B 62 -35.93 0.90 23.52
CA LEU B 62 -35.21 1.92 24.31
C LEU B 62 -35.95 2.30 25.60
N ASP B 63 -37.26 2.52 25.48
CA ASP B 63 -38.12 2.88 26.62
C ASP B 63 -38.31 1.74 27.61
N LYS B 64 -38.28 0.50 27.12
CA LYS B 64 -38.29 -0.69 27.99
C LYS B 64 -37.02 -0.75 28.85
N LEU B 65 -35.88 -0.48 28.21
CA LEU B 65 -34.60 -0.37 28.92
C LEU B 65 -34.63 0.77 29.95
N LEU B 66 -35.12 1.94 29.53
CA LEU B 66 -35.23 3.11 30.39
C LEU B 66 -36.16 2.87 31.59
N ASP B 67 -37.40 2.45 31.30
CA ASP B 67 -38.42 2.21 32.34
C ASP B 67 -38.00 1.13 33.34
N GLU B 68 -37.25 0.14 32.88
CA GLU B 68 -36.59 -0.84 33.76
C GLU B 68 -35.64 -0.11 34.72
N SER B 69 -34.79 0.76 34.16
CA SER B 69 -33.86 1.59 34.94
C SER B 69 -34.54 2.61 35.85
N LEU B 70 -35.69 3.12 35.41
CA LEU B 70 -36.46 4.14 36.15
C LEU B 70 -35.75 5.50 36.18
N ILE B 71 -35.14 5.89 35.06
CA ILE B 71 -34.50 7.20 34.92
C ILE B 71 -35.56 8.30 34.84
N ASP B 72 -36.47 8.14 33.88
CA ASP B 72 -37.56 9.08 33.53
C ASP B 72 -37.62 9.09 32.00
N LYS B 73 -38.23 8.05 31.44
CA LYS B 73 -38.18 7.71 30.00
C LYS B 73 -38.15 8.88 29.00
N ASP B 74 -38.90 9.94 29.29
CA ASP B 74 -38.88 11.16 28.46
C ASP B 74 -37.52 11.86 28.52
N LYS B 75 -37.10 12.23 29.74
CA LYS B 75 -35.85 12.95 29.97
C LYS B 75 -34.59 12.13 29.64
N GLY B 76 -34.64 10.83 29.91
CA GLY B 76 -33.55 9.89 29.59
C GLY B 76 -33.23 9.81 28.10
N LYS B 77 -34.26 9.80 27.27
CA LYS B 77 -34.08 9.94 25.82
C LYS B 77 -33.47 11.30 25.46
N GLU B 78 -33.87 12.36 26.14
CA GLU B 78 -33.27 13.70 25.95
C GLU B 78 -31.77 13.70 26.28
N PHE B 79 -31.39 13.01 27.36
CA PHE B 79 -29.99 12.90 27.78
C PHE B 79 -29.11 12.18 26.76
N LEU B 80 -29.58 11.03 26.28
CA LEU B 80 -28.82 10.21 25.34
C LEU B 80 -28.72 10.86 23.96
N ILE B 81 -29.77 11.58 23.55
CA ILE B 81 -29.75 12.35 22.29
C ILE B 81 -28.74 13.47 22.40
N THR B 82 -28.80 14.20 23.51
CA THR B 82 -27.90 15.30 23.79
C THR B 82 -26.45 14.86 23.79
N THR B 83 -26.16 13.82 24.57
CA THR B 83 -24.79 13.36 24.80
C THR B 83 -24.14 12.67 23.60
N GLY B 84 -24.94 12.24 22.63
CA GLY B 84 -24.45 11.58 21.43
C GLY B 84 -24.35 10.07 21.60
N VAL B 85 -25.18 9.52 22.49
CA VAL B 85 -25.28 8.07 22.68
C VAL B 85 -26.24 7.51 21.62
N ILE B 86 -27.41 8.14 21.48
CA ILE B 86 -28.43 7.71 20.50
C ILE B 86 -28.95 8.88 19.68
N ASN B 87 -29.60 8.56 18.55
CA ASN B 87 -30.24 9.58 17.69
C ASN B 87 -31.21 8.96 16.67
N LYS B 88 -32.12 9.78 16.13
CA LYS B 88 -33.13 9.33 15.17
C LYS B 88 -32.57 9.23 13.75
N THR B 89 -32.54 8.02 13.19
CA THR B 89 -32.07 7.77 11.81
C THR B 89 -33.27 7.81 10.86
N LYS B 90 -33.14 8.58 9.77
CA LYS B 90 -34.21 8.69 8.77
C LYS B 90 -34.46 7.35 8.09
N THR B 91 -35.64 6.77 8.37
CA THR B 91 -36.07 5.49 7.78
C THR B 91 -36.03 5.53 6.24
N SER B 92 -36.39 6.68 5.66
CA SER B 92 -36.38 6.87 4.20
C SER B 92 -34.99 7.11 3.63
N PRO B 93 -34.86 7.10 2.29
CA PRO B 93 -33.69 7.68 1.62
C PRO B 93 -33.56 9.18 1.91
N LEU B 94 -32.34 9.69 1.88
CA LEU B 94 -32.04 10.94 2.54
C LEU B 94 -32.34 12.21 1.75
N TRP B 95 -32.47 12.11 0.42
CA TRP B 95 -32.59 13.32 -0.43
C TRP B 95 -33.73 13.28 -1.44
N VAL B 96 -34.59 14.29 -1.34
CA VAL B 96 -35.74 14.43 -2.23
C VAL B 96 -35.21 14.71 -3.64
N ASN B 97 -34.25 15.63 -3.74
CA ASN B 97 -33.64 15.94 -5.01
C ASN B 97 -32.27 16.60 -4.85
N SER B 98 -31.60 16.78 -5.99
CA SER B 98 -30.31 17.43 -6.06
C SER B 98 -30.41 18.75 -6.81
N VAL B 99 -29.40 19.59 -6.59
CA VAL B 99 -29.27 20.86 -7.28
C VAL B 99 -27.78 20.97 -7.63
N ILE B 100 -27.48 21.51 -8.81
CA ILE B 100 -26.09 21.65 -9.28
C ILE B 100 -25.70 23.13 -9.41
N ILE B 101 -24.74 23.56 -8.58
CA ILE B 101 -24.23 24.93 -8.59
C ILE B 101 -22.85 24.93 -9.23
N SER B 102 -22.60 25.84 -10.17
CA SER B 102 -21.40 25.73 -11.02
C SER B 102 -20.89 27.05 -11.58
N ASP B 103 -19.57 27.13 -11.77
CA ASP B 103 -18.94 28.17 -12.57
C ASP B 103 -18.88 27.84 -14.08
N VAL B 104 -19.47 26.71 -14.49
CA VAL B 104 -19.68 26.41 -15.91
C VAL B 104 -21.08 25.80 -16.12
N PRO B 105 -22.14 26.48 -15.65
CA PRO B 105 -23.47 25.89 -15.69
C PRO B 105 -23.97 25.62 -17.11
N HIS B 106 -23.44 26.34 -18.10
CA HIS B 106 -23.67 26.03 -19.52
C HIS B 106 -23.40 24.56 -19.87
N LEU B 107 -22.45 23.93 -19.18
CA LEU B 107 -22.15 22.51 -19.35
C LEU B 107 -23.28 21.54 -18.96
N PHE B 108 -24.23 21.99 -18.13
CA PHE B 108 -25.31 21.13 -17.63
C PHE B 108 -26.72 21.53 -18.07
N SER B 109 -26.83 22.36 -19.12
CA SER B 109 -28.16 22.86 -19.54
C SER B 109 -29.20 21.73 -19.68
N ASN B 110 -28.86 20.73 -20.50
CA ASN B 110 -29.71 19.57 -20.75
C ASN B 110 -29.64 18.42 -19.72
N ALA B 111 -28.88 18.59 -18.63
CA ALA B 111 -28.74 17.56 -17.60
C ALA B 111 -30.05 17.18 -16.91
N ARG B 112 -30.88 18.16 -16.58
CA ARG B 112 -32.16 17.90 -15.93
C ARG B 112 -33.05 17.04 -16.83
N GLU B 113 -33.08 17.40 -18.12
CA GLU B 113 -33.83 16.69 -19.16
C GLU B 113 -33.34 15.25 -19.40
N GLN B 114 -32.02 15.09 -19.55
CA GLN B 114 -31.43 13.79 -19.89
C GLN B 114 -31.48 12.79 -18.73
N TRP B 115 -30.99 13.22 -17.57
CA TRP B 115 -30.73 12.32 -16.45
C TRP B 115 -31.97 11.71 -15.76
N LYS B 116 -33.17 12.24 -16.06
CA LYS B 116 -34.44 11.63 -15.62
C LYS B 116 -34.57 10.16 -16.03
N CYS B 117 -34.02 9.82 -17.19
CA CYS B 117 -34.00 8.43 -17.69
C CYS B 117 -33.19 7.46 -16.84
N ASP B 118 -32.18 7.97 -16.13
CA ASP B 118 -31.35 7.16 -15.24
C ASP B 118 -31.86 7.16 -13.79
N GLY B 119 -33.06 7.68 -13.56
CA GLY B 119 -33.61 7.80 -12.22
C GLY B 119 -32.94 8.87 -11.36
N VAL B 120 -32.40 9.91 -12.00
CA VAL B 120 -31.73 11.01 -11.29
C VAL B 120 -32.55 12.29 -11.50
N PHE B 121 -32.80 13.03 -10.42
CA PHE B 121 -33.66 14.21 -10.47
C PHE B 121 -32.92 15.45 -9.98
N VAL B 122 -32.24 16.13 -10.92
CA VAL B 122 -31.65 17.45 -10.69
C VAL B 122 -32.73 18.49 -10.98
N SER B 123 -32.99 19.38 -10.03
CA SER B 123 -34.11 20.32 -10.12
C SER B 123 -33.70 21.65 -10.80
N HIS B 124 -32.66 22.28 -10.26
CA HIS B 124 -32.11 23.52 -10.80
C HIS B 124 -30.64 23.31 -11.14
N ILE B 125 -30.20 23.91 -12.25
CA ILE B 125 -28.79 24.27 -12.43
C ILE B 125 -28.69 25.70 -11.92
N ILE B 126 -27.56 26.05 -11.30
CA ILE B 126 -27.37 27.37 -10.73
C ILE B 126 -25.98 27.88 -11.10
N ASP B 127 -25.90 29.15 -11.50
CA ASP B 127 -24.61 29.80 -11.77
C ASP B 127 -24.02 30.18 -10.42
N ILE B 128 -22.70 29.98 -10.25
CA ILE B 128 -22.01 30.35 -9.01
C ILE B 128 -22.09 31.87 -8.77
N LYS B 129 -22.04 32.64 -9.87
CA LYS B 129 -22.22 34.09 -9.84
C LYS B 129 -23.72 34.41 -9.69
N ASP B 130 -24.17 34.56 -8.45
CA ASP B 130 -25.60 34.68 -8.13
C ASP B 130 -25.81 35.58 -6.90
N ASN B 131 -27.07 35.76 -6.49
CA ASN B 131 -27.37 36.50 -5.26
C ASN B 131 -28.72 36.09 -4.67
N ASN B 132 -29.80 36.37 -5.41
CA ASN B 132 -31.17 36.05 -4.97
C ASN B 132 -31.54 34.63 -5.38
N VAL B 135 -32.40 26.89 -0.70
CA VAL B 135 -32.38 25.69 -1.53
C VAL B 135 -33.16 24.55 -0.87
N SER B 136 -34.45 24.79 -0.62
CA SER B 136 -35.43 23.78 -0.16
C SER B 136 -35.10 23.13 1.19
N ASP B 137 -35.87 22.10 1.53
CA ASP B 137 -35.52 21.16 2.61
C ASP B 137 -35.08 19.85 1.95
N SER B 138 -34.16 19.12 2.61
CA SER B 138 -33.67 17.81 2.13
C SER B 138 -33.04 17.83 0.72
N THR B 139 -32.00 18.65 0.56
CA THR B 139 -31.41 18.92 -0.75
C THR B 139 -29.92 18.55 -0.81
N LEU B 140 -29.53 17.78 -1.83
CA LEU B 140 -28.13 17.50 -2.10
C LEU B 140 -27.60 18.56 -3.07
N ILE B 141 -26.55 19.27 -2.68
CA ILE B 141 -26.01 20.35 -3.49
C ILE B 141 -24.69 19.93 -4.15
N TRP B 142 -24.71 19.74 -5.46
CA TRP B 142 -23.49 19.47 -6.22
C TRP B 142 -22.84 20.77 -6.62
N LEU B 143 -21.66 21.02 -6.09
CA LEU B 143 -20.89 22.22 -6.39
C LEU B 143 -19.71 21.81 -7.28
N HIS B 144 -19.88 21.95 -8.59
CA HIS B 144 -18.84 21.61 -9.58
C HIS B 144 -18.12 22.89 -10.01
N LEU B 145 -16.80 22.93 -9.83
CA LEU B 145 -15.98 24.13 -10.15
C LEU B 145 -14.79 23.81 -11.05
N GLU B 146 -14.78 24.36 -12.26
CA GLU B 146 -13.57 24.33 -13.10
C GLU B 146 -12.47 25.23 -12.52
N ASN B 147 -12.88 26.35 -11.94
CA ASN B 147 -11.96 27.26 -11.27
C ASN B 147 -12.15 27.19 -9.76
N TYR B 148 -11.30 26.38 -9.12
CA TYR B 148 -11.40 26.06 -7.69
C TYR B 148 -10.87 27.17 -6.80
N HIS B 149 -11.55 27.40 -5.68
CA HIS B 149 -11.03 28.25 -4.59
C HIS B 149 -11.75 27.87 -3.30
N SER B 150 -10.99 27.63 -2.23
CA SER B 150 -11.54 27.31 -0.89
C SER B 150 -12.70 28.23 -0.44
N ASP B 151 -12.52 29.54 -0.63
CA ASP B 151 -13.57 30.54 -0.33
C ASP B 151 -14.89 30.40 -1.13
N ILE B 152 -14.84 29.81 -2.32
CA ILE B 152 -16.08 29.58 -3.09
C ILE B 152 -16.92 28.48 -2.42
N VAL B 153 -16.25 27.44 -1.92
CA VAL B 153 -16.92 26.35 -1.20
C VAL B 153 -17.43 26.87 0.14
N LYS B 154 -16.56 27.57 0.88
CA LYS B 154 -16.95 28.23 2.14
C LYS B 154 -18.18 29.14 1.95
N ARG B 155 -18.20 29.90 0.85
CA ARG B 155 -19.34 30.75 0.48
C ARG B 155 -20.65 29.96 0.39
N ILE B 156 -20.60 28.82 -0.30
CA ILE B 156 -21.75 27.93 -0.47
C ILE B 156 -22.10 27.23 0.86
N TYR B 157 -21.09 26.85 1.62
CA TYR B 157 -21.31 26.28 2.97
C TYR B 157 -21.97 27.28 3.91
N SER B 158 -21.61 28.57 3.79
CA SER B 158 -22.22 29.64 4.60
C SER B 158 -23.72 29.80 4.32
N LYS B 159 -24.06 29.96 3.04
CA LYS B 159 -25.45 30.20 2.60
C LYS B 159 -26.44 29.11 3.02
N PHE B 160 -26.03 27.83 2.92
CA PHE B 160 -26.97 26.71 3.15
C PHE B 160 -26.55 25.66 4.19
N GLU B 161 -25.45 25.85 4.94
CA GLU B 161 -25.01 24.86 5.97
C GLU B 161 -26.11 24.48 6.99
N SER B 162 -26.98 25.44 7.31
CA SER B 162 -28.05 25.27 8.31
C SER B 162 -29.38 24.72 7.79
N ASN B 163 -29.52 24.48 6.47
CA ASN B 163 -30.81 24.05 5.90
C ASN B 163 -31.23 22.68 6.43
N PRO B 164 -32.55 22.46 6.60
CA PRO B 164 -33.04 21.19 7.13
C PRO B 164 -32.81 19.99 6.18
N GLY B 165 -32.03 19.02 6.65
CA GLY B 165 -31.72 17.82 5.88
C GLY B 165 -30.76 18.01 4.71
N VAL B 166 -30.05 19.14 4.69
CA VAL B 166 -29.15 19.48 3.58
C VAL B 166 -27.85 18.67 3.64
N ALA B 167 -27.32 18.34 2.47
CA ALA B 167 -25.99 17.77 2.34
C ALA B 167 -25.29 18.40 1.13
N PHE B 168 -23.97 18.28 1.10
CA PHE B 168 -23.14 18.88 0.04
C PHE B 168 -22.16 17.88 -0.53
N ILE B 169 -21.80 18.12 -1.79
CA ILE B 169 -20.79 17.33 -2.48
C ILE B 169 -20.05 18.27 -3.44
N GLN B 170 -18.71 18.18 -3.47
CA GLN B 170 -17.89 19.11 -4.22
C GLN B 170 -17.04 18.35 -5.24
N SER B 171 -16.88 18.94 -6.43
CA SER B 171 -15.99 18.39 -7.47
C SER B 171 -15.19 19.51 -8.15
N TYR B 172 -13.95 19.22 -8.46
CA TYR B 172 -12.98 20.22 -8.92
C TYR B 172 -11.77 19.52 -9.54
N TYR B 173 -10.83 20.29 -10.05
CA TYR B 173 -9.72 19.77 -10.82
C TYR B 173 -8.37 20.12 -10.18
N LEU B 174 -7.64 19.10 -9.77
CA LEU B 174 -6.27 19.25 -9.28
C LEU B 174 -5.33 18.74 -10.37
N LYS B 175 -4.83 19.67 -11.17
CA LYS B 175 -3.96 19.39 -12.31
C LYS B 175 -4.54 18.29 -13.23
N GLU B 176 -4.04 17.05 -13.13
CA GLU B 176 -4.51 15.96 -14.01
C GLU B 176 -5.71 15.18 -13.43
N SER B 177 -6.08 15.43 -12.17
CA SER B 177 -7.08 14.64 -11.48
C SER B 177 -8.38 15.40 -11.29
N PHE B 178 -9.49 14.74 -11.61
CA PHE B 178 -10.84 15.24 -11.34
C PHE B 178 -11.33 14.62 -10.03
N ARG B 179 -11.68 15.48 -9.09
CA ARG B 179 -11.91 15.12 -7.69
C ARG B 179 -13.40 15.20 -7.35
N ILE B 180 -13.92 14.16 -6.70
CA ILE B 180 -15.26 14.20 -6.12
C ILE B 180 -15.14 13.82 -4.63
N ASP B 181 -15.32 14.82 -3.76
CA ASP B 181 -15.27 14.65 -2.32
C ASP B 181 -16.40 13.74 -1.84
N GLY B 182 -16.21 13.17 -0.65
CA GLY B 182 -17.30 12.53 0.08
C GLY B 182 -18.42 13.52 0.32
N VAL B 183 -19.61 12.99 0.57
CA VAL B 183 -20.77 13.81 0.84
C VAL B 183 -20.67 14.39 2.25
N TYR B 184 -20.85 15.71 2.36
CA TYR B 184 -20.83 16.43 3.63
C TYR B 184 -22.25 16.67 4.07
N SER B 185 -22.67 15.93 5.10
CA SER B 185 -24.02 15.99 5.62
C SER B 185 -23.94 16.31 7.11
N PRO B 186 -24.29 17.56 7.52
CA PRO B 186 -24.42 17.92 8.93
C PRO B 186 -25.28 16.96 9.74
N ASP B 187 -26.40 16.53 9.19
CA ASP B 187 -27.31 15.62 9.90
C ASP B 187 -26.65 14.26 10.12
N LEU B 188 -26.09 13.66 9.07
CA LEU B 188 -25.36 12.38 9.18
C LEU B 188 -24.01 12.46 9.90
N GLY B 189 -23.41 13.64 9.95
CA GLY B 189 -22.11 13.82 10.59
C GLY B 189 -20.92 13.29 9.79
N THR B 190 -20.95 13.53 8.48
CA THR B 190 -19.89 13.10 7.55
C THR B 190 -18.96 14.27 7.21
N PRO B 191 -17.65 14.02 7.03
CA PRO B 191 -16.67 15.11 6.84
C PRO B 191 -16.93 16.07 5.67
N CYS B 192 -16.51 17.33 5.82
CA CYS B 192 -16.67 18.39 4.83
C CYS B 192 -15.49 18.46 3.86
N HIS B 193 -15.61 19.38 2.90
CA HIS B 193 -14.55 19.67 1.94
C HIS B 193 -13.24 19.99 2.63
N PHE B 194 -13.29 20.80 3.69
CA PHE B 194 -12.07 21.28 4.36
C PHE B 194 -11.39 20.19 5.16
N CYS B 195 -12.16 19.21 5.64
CA CYS B 195 -11.57 17.98 6.17
C CYS B 195 -10.74 17.29 5.06
N HIS B 196 -11.27 17.23 3.83
CA HIS B 196 -10.51 16.63 2.72
C HIS B 196 -9.19 17.37 2.47
N ILE B 197 -9.25 18.69 2.35
CA ILE B 197 -8.08 19.51 1.99
C ILE B 197 -7.00 19.44 3.07
N GLU B 198 -7.40 19.49 4.33
CA GLU B 198 -6.45 19.38 5.45
C GLU B 198 -5.72 18.04 5.54
N ARG B 199 -6.43 16.93 5.33
CA ARG B 199 -5.80 15.60 5.37
C ARG B 199 -4.83 15.38 4.22
N TRP B 200 -5.15 15.99 3.08
CA TRP B 200 -4.28 15.99 1.92
C TRP B 200 -3.01 16.76 2.23
N LEU B 201 -3.19 17.98 2.69
CA LEU B 201 -2.07 18.89 2.95
C LEU B 201 -1.29 18.56 4.23
N SER B 202 -1.87 17.73 5.10
CA SER B 202 -1.17 17.24 6.32
C SER B 202 0.17 16.54 6.06
N ARG B 203 0.33 15.98 4.86
CA ARG B 203 1.51 15.20 4.48
C ARG B 203 2.74 16.07 4.11
N MET B 213 8.51 24.09 -4.76
CA MET B 213 7.17 24.64 -4.55
C MET B 213 6.15 23.52 -4.37
N SER B 214 5.65 23.37 -3.14
CA SER B 214 4.67 22.34 -2.77
C SER B 214 3.22 22.74 -3.13
N TRP B 215 2.30 21.79 -2.99
CA TRP B 215 0.86 22.03 -3.24
C TRP B 215 0.27 23.05 -2.27
N ALA B 216 0.60 22.90 -1.00
CA ALA B 216 0.21 23.87 0.01
C ALA B 216 0.85 25.23 -0.27
N ASN B 217 2.15 25.21 -0.60
CA ASN B 217 2.85 26.42 -1.06
C ASN B 217 2.08 27.08 -2.21
N LEU B 218 1.59 26.28 -3.15
CA LEU B 218 0.76 26.76 -4.26
C LEU B 218 -0.61 27.30 -3.86
N LEU B 219 -1.38 26.51 -3.09
CA LEU B 219 -2.69 26.96 -2.62
C LEU B 219 -2.60 28.20 -1.69
N GLN B 220 -1.47 28.37 -1.00
CA GLN B 220 -1.22 29.55 -0.16
C GLN B 220 -1.06 30.83 -1.01
N LEU B 221 -0.17 30.78 -2.01
CA LEU B 221 0.04 31.92 -2.93
C LEU B 221 -1.26 32.34 -3.63
N LEU B 222 -1.99 31.36 -4.17
CA LEU B 222 -3.27 31.60 -4.86
C LEU B 222 -4.23 32.42 -4.01
N LYS B 223 -4.37 32.05 -2.74
CA LYS B 223 -5.13 32.84 -1.77
C LYS B 223 -4.43 34.18 -1.53
N LYS B 224 -3.15 34.11 -1.20
CA LYS B 224 -2.33 35.28 -0.82
C LYS B 224 -2.20 36.37 -1.89
N TYR B 225 -2.35 36.00 -3.17
CA TYR B 225 -2.37 36.97 -4.27
C TYR B 225 -3.71 36.98 -5.04
N GLN B 226 -4.77 36.49 -4.38
CA GLN B 226 -6.15 36.51 -4.91
C GLN B 226 -6.31 35.96 -6.34
N MET B 227 -6.37 34.65 -6.48
CA MET B 227 -6.61 33.99 -7.78
C MET B 227 -7.05 32.52 -7.64
N THR B 228 -7.99 32.10 -8.50
CA THR B 228 -8.47 30.70 -8.48
C THR B 228 -7.49 29.73 -9.15
N LEU B 229 -7.71 28.44 -8.91
CA LEU B 229 -6.90 27.37 -9.46
C LEU B 229 -7.65 26.86 -10.67
N PRO B 230 -7.09 27.08 -11.88
CA PRO B 230 -7.79 26.59 -13.05
C PRO B 230 -7.55 25.10 -13.30
N ALA B 231 -8.49 24.49 -13.98
CA ALA B 231 -8.31 23.18 -14.55
C ALA B 231 -7.32 23.30 -15.72
N LEU B 232 -6.44 22.33 -15.85
CA LEU B 232 -5.38 22.38 -16.87
C LEU B 232 -5.87 21.94 -18.24
N ALA B 233 -6.33 22.93 -19.01
CA ALA B 233 -6.66 22.78 -20.43
C ALA B 233 -7.76 21.76 -20.70
N LEU B 234 -8.89 21.91 -20.02
CA LEU B 234 -10.05 21.06 -20.24
C LEU B 234 -10.66 21.33 -21.60
N GLY B 235 -10.83 20.26 -22.37
CA GLY B 235 -11.55 20.33 -23.64
C GLY B 235 -12.90 19.70 -23.47
N GLU B 236 -13.60 19.51 -24.60
CA GLU B 236 -14.94 18.94 -24.63
C GLU B 236 -14.95 17.55 -24.04
N SER B 237 -13.99 16.72 -24.50
CA SER B 237 -13.91 15.32 -24.09
C SER B 237 -13.69 15.16 -22.58
N GLU B 238 -12.87 16.02 -21.98
CA GLU B 238 -12.67 16.00 -20.52
C GLU B 238 -13.95 16.37 -19.80
N ARG B 239 -14.65 17.39 -20.30
CA ARG B 239 -15.95 17.78 -19.76
C ARG B 239 -17.01 16.69 -19.90
N GLY B 240 -16.97 15.96 -21.02
CA GLY B 240 -17.83 14.80 -21.25
C GLY B 240 -17.57 13.68 -20.27
N PHE B 241 -16.29 13.37 -20.05
CA PHE B 241 -15.84 12.40 -19.05
C PHE B 241 -16.33 12.81 -17.67
N SER B 242 -16.20 14.10 -17.35
CA SER B 242 -16.68 14.66 -16.07
C SER B 242 -18.22 14.60 -15.97
N TYR B 243 -18.90 15.01 -17.04
CA TYR B 243 -20.37 14.96 -17.12
C TYR B 243 -20.92 13.61 -16.64
N HIS B 244 -20.34 12.55 -17.17
CA HIS B 244 -20.81 11.18 -16.95
C HIS B 244 -20.49 10.64 -15.54
N LEU B 245 -19.30 10.93 -15.03
CA LEU B 245 -18.98 10.57 -13.64
C LEU B 245 -19.98 11.23 -12.69
N ILE B 246 -20.22 12.53 -12.86
CA ILE B 246 -21.18 13.24 -12.04
C ILE B 246 -22.56 12.56 -12.10
N LYS B 247 -23.00 12.15 -13.29
CA LYS B 247 -24.29 11.48 -13.41
C LYS B 247 -24.33 10.16 -12.62
N ARG B 248 -23.28 9.35 -12.75
CA ARG B 248 -23.24 8.03 -12.11
C ARG B 248 -23.06 8.14 -10.60
N ARG B 249 -22.35 9.18 -10.16
CA ARG B 249 -22.20 9.46 -8.73
C ARG B 249 -23.53 9.93 -8.09
N LEU B 250 -24.23 10.82 -8.78
CA LEU B 250 -25.60 11.20 -8.41
C LEU B 250 -26.54 9.98 -8.38
N GLN B 251 -26.33 9.03 -9.29
CA GLN B 251 -27.15 7.82 -9.32
C GLN B 251 -26.92 6.95 -8.09
N GLU B 252 -25.68 6.91 -7.62
CA GLU B 252 -25.34 6.15 -6.41
C GLU B 252 -25.98 6.74 -5.17
N LEU B 253 -26.27 8.03 -5.18
CA LEU B 253 -26.91 8.74 -4.06
C LEU B 253 -28.40 9.03 -4.30
N THR B 254 -29.13 8.08 -4.91
CA THR B 254 -30.57 8.20 -5.22
C THR B 254 -31.27 6.85 -4.97
N SER B 261 -27.62 2.03 1.15
CA SER B 261 -26.84 3.25 1.29
C SER B 261 -26.04 3.23 2.59
N HIS B 262 -24.99 2.41 2.61
CA HIS B 262 -24.11 2.26 3.78
C HIS B 262 -23.36 3.55 3.99
N VAL B 263 -22.87 3.74 5.22
CA VAL B 263 -22.07 4.92 5.58
C VAL B 263 -20.94 5.20 4.57
N ASP B 264 -20.33 4.13 4.07
CA ASP B 264 -19.19 4.23 3.18
C ASP B 264 -19.53 4.63 1.73
N ASN B 265 -20.81 4.66 1.37
CA ASN B 265 -21.27 5.39 0.18
C ASN B 265 -20.95 6.88 0.33
N PHE B 266 -21.16 7.42 1.54
CA PHE B 266 -21.01 8.87 1.79
C PHE B 266 -19.57 9.24 2.15
N MET B 267 -18.94 8.44 3.01
CA MET B 267 -17.59 8.72 3.47
C MET B 267 -16.53 8.18 2.51
N SER B 268 -16.67 8.49 1.22
CA SER B 268 -15.78 7.99 0.17
C SER B 268 -15.63 8.98 -0.99
N SER B 269 -14.40 9.42 -1.21
CA SER B 269 -14.11 10.32 -2.30
C SER B 269 -13.78 9.51 -3.53
N VAL B 270 -14.09 10.08 -4.70
CA VAL B 270 -13.72 9.52 -5.99
C VAL B 270 -12.68 10.44 -6.65
N SER B 271 -11.67 9.83 -7.25
CA SER B 271 -10.55 10.54 -7.83
C SER B 271 -10.36 9.98 -9.24
N ALA B 272 -10.43 10.81 -10.26
CA ALA B 272 -10.39 10.35 -11.66
C ALA B 272 -9.27 11.02 -12.45
N ASP B 273 -8.22 10.26 -12.73
CA ASP B 273 -7.10 10.68 -13.57
C ASP B 273 -7.65 10.89 -14.98
N LEU B 274 -7.56 12.12 -15.47
CA LEU B 274 -8.08 12.49 -16.79
C LEU B 274 -7.23 12.00 -17.96
N ILE B 275 -5.97 11.66 -17.70
CA ILE B 275 -5.11 11.14 -18.74
C ILE B 275 -5.45 9.66 -18.97
N THR B 276 -5.25 8.84 -17.93
CA THR B 276 -5.44 7.39 -18.00
C THR B 276 -6.90 6.93 -17.82
N CYS B 277 -7.79 7.84 -17.44
CA CYS B 277 -9.20 7.53 -17.25
C CYS B 277 -9.44 6.49 -16.15
N ILE B 278 -8.52 6.39 -15.21
CA ILE B 278 -8.70 5.48 -14.08
C ILE B 278 -9.37 6.24 -12.93
N LEU B 279 -10.43 5.62 -12.43
CA LEU B 279 -11.21 6.10 -11.30
C LEU B 279 -10.56 5.45 -10.09
N CYS B 280 -10.67 6.07 -8.92
CA CYS B 280 -10.04 5.51 -7.74
C CYS B 280 -10.72 6.02 -6.47
N LYS B 281 -11.46 5.13 -5.82
CA LYS B 281 -12.24 5.43 -4.61
C LYS B 281 -11.36 5.35 -3.35
N GLU B 282 -11.55 6.28 -2.41
CA GLU B 282 -10.76 6.35 -1.17
C GLU B 282 -11.63 6.76 0.02
N PRO B 283 -11.43 6.14 1.21
CA PRO B 283 -12.28 6.48 2.36
C PRO B 283 -12.01 7.89 2.91
N VAL B 284 -13.00 8.46 3.59
CA VAL B 284 -12.89 9.79 4.20
C VAL B 284 -13.06 9.71 5.71
N ILE B 285 -12.30 10.55 6.41
CA ILE B 285 -12.38 10.69 7.87
C ILE B 285 -12.25 12.16 8.18
N HIS B 286 -12.85 12.61 9.29
CA HIS B 286 -12.86 14.05 9.64
C HIS B 286 -11.44 14.58 9.94
N TRP B 287 -11.30 15.90 9.94
CA TRP B 287 -10.20 16.52 10.68
C TRP B 287 -10.80 16.96 12.01
N GLN B 288 -10.10 16.64 13.10
CA GLN B 288 -10.52 17.03 14.43
C GLN B 288 -10.55 18.57 14.56
N ALA B 289 -9.56 19.24 13.97
CA ALA B 289 -9.46 20.70 14.04
C ALA B 289 -10.59 21.45 13.32
N CYS B 290 -11.19 20.81 12.32
CA CYS B 290 -12.27 21.40 11.55
C CYS B 290 -13.57 21.56 12.36
N SER B 291 -14.29 22.64 12.09
CA SER B 291 -15.56 22.92 12.78
C SER B 291 -16.72 21.98 12.43
N CYS B 292 -16.89 21.68 11.14
CA CYS B 292 -18.13 21.12 10.54
C CYS B 292 -19.03 20.18 11.37
N SER C 2 26.02 -11.48 1.83
CA SER C 2 26.36 -10.66 3.03
C SER C 2 27.02 -9.34 2.60
N LYS C 3 28.11 -9.44 1.85
CA LYS C 3 28.66 -8.30 1.11
C LYS C 3 27.70 -7.86 -0.01
N HIS C 4 26.99 -8.81 -0.61
CA HIS C 4 26.08 -8.54 -1.73
C HIS C 4 24.60 -8.66 -1.36
N GLU C 5 24.25 -8.51 -0.08
CA GLU C 5 22.90 -8.77 0.38
C GLU C 5 21.91 -7.80 -0.26
N LEU C 6 20.73 -8.31 -0.61
CA LEU C 6 19.62 -7.50 -1.09
C LEU C 6 18.47 -7.80 -0.17
N SER C 7 17.84 -6.74 0.36
CA SER C 7 16.63 -6.89 1.14
C SER C 7 15.42 -6.93 0.20
N LEU C 8 14.56 -7.93 0.35
CA LEU C 8 13.29 -7.97 -0.39
C LEU C 8 12.34 -6.79 -0.11
N VAL C 9 12.50 -6.10 1.03
CA VAL C 9 11.73 -4.90 1.35
C VAL C 9 11.96 -3.82 0.27
N GLU C 10 13.19 -3.76 -0.26
CA GLU C 10 13.53 -2.89 -1.39
C GLU C 10 12.79 -3.34 -2.65
N VAL C 11 12.77 -4.65 -2.89
CA VAL C 11 12.04 -5.22 -4.02
C VAL C 11 10.56 -4.86 -3.93
N THR C 12 9.94 -5.15 -2.80
CA THR C 12 8.49 -4.99 -2.63
C THR C 12 7.94 -3.56 -2.81
N HIS C 13 8.81 -2.57 -2.81
CA HIS C 13 8.45 -1.19 -3.15
C HIS C 13 7.91 -1.00 -4.58
N TYR C 14 8.29 -1.87 -5.53
CA TYR C 14 7.90 -1.75 -6.94
C TYR C 14 6.88 -2.81 -7.37
N THR C 15 6.28 -3.51 -6.42
CA THR C 15 5.44 -4.64 -6.74
C THR C 15 4.05 -4.20 -7.12
N ASP C 16 3.61 -4.63 -8.29
CA ASP C 16 2.21 -4.49 -8.66
C ASP C 16 1.48 -5.67 -8.05
N PRO C 17 0.54 -5.40 -7.14
CA PRO C 17 -0.16 -6.51 -6.49
C PRO C 17 -1.21 -7.22 -7.36
N GLU C 18 -1.77 -6.54 -8.37
CA GLU C 18 -2.61 -7.20 -9.39
C GLU C 18 -1.75 -8.23 -10.12
N VAL C 19 -0.53 -7.86 -10.51
CA VAL C 19 0.33 -8.80 -11.22
C VAL C 19 0.66 -9.99 -10.32
N LEU C 20 0.96 -9.72 -9.05
CA LEU C 20 1.44 -10.77 -8.16
C LEU C 20 0.36 -11.81 -7.94
N ALA C 21 -0.85 -11.35 -7.64
CA ALA C 21 -2.01 -12.22 -7.45
C ALA C 21 -2.29 -13.12 -8.66
N ILE C 22 -2.28 -12.53 -9.86
CA ILE C 22 -2.56 -13.24 -11.12
C ILE C 22 -1.50 -14.30 -11.49
N VAL C 23 -0.23 -14.01 -11.22
CA VAL C 23 0.86 -14.95 -11.44
C VAL C 23 0.78 -16.13 -10.47
N LYS C 24 0.50 -15.84 -9.20
CA LYS C 24 0.34 -16.88 -8.17
C LYS C 24 -0.87 -17.78 -8.45
N ASP C 25 -2.03 -17.19 -8.74
CA ASP C 25 -3.25 -17.93 -9.16
C ASP C 25 -3.00 -18.91 -10.29
N PHE C 26 -2.11 -18.52 -11.23
CA PHE C 26 -1.77 -19.36 -12.37
C PHE C 26 -0.82 -20.43 -11.92
N HIS C 27 0.28 -20.02 -11.30
CA HIS C 27 1.28 -20.93 -10.77
C HIS C 27 0.70 -22.14 -10.04
N VAL C 28 -0.27 -21.89 -9.17
CA VAL C 28 -0.88 -22.92 -8.32
C VAL C 28 -1.68 -24.00 -9.08
N ARG C 29 -2.05 -23.71 -10.32
CA ARG C 29 -2.75 -24.67 -11.17
C ARG C 29 -1.87 -25.86 -11.55
N GLY C 30 -0.56 -25.64 -11.52
CA GLY C 30 0.39 -26.68 -11.84
C GLY C 30 1.03 -27.31 -10.64
N ASN C 31 0.51 -27.04 -9.44
CA ASN C 31 1.01 -27.70 -8.24
C ASN C 31 0.37 -29.08 -8.19
N PHE C 32 1.14 -30.04 -7.70
CA PHE C 32 0.72 -31.43 -7.61
C PHE C 32 0.44 -31.82 -6.16
N ALA C 33 -0.50 -32.74 -6.00
CA ALA C 33 -0.74 -33.44 -4.77
C ALA C 33 -0.30 -34.86 -5.06
N SER C 34 0.95 -35.13 -4.71
CA SER C 34 1.67 -36.31 -5.13
C SER C 34 2.25 -37.04 -3.92
N LEU C 35 1.48 -37.96 -3.34
CA LEU C 35 1.93 -38.76 -2.19
C LEU C 35 1.62 -40.24 -2.38
N PRO C 36 2.42 -41.12 -1.74
CA PRO C 36 2.16 -42.57 -1.71
C PRO C 36 0.72 -42.99 -1.33
N GLU C 37 0.10 -42.26 -0.42
CA GLU C 37 -1.25 -42.56 0.06
C GLU C 37 -2.32 -42.13 -0.96
N PHE C 38 -1.95 -41.34 -1.96
CA PHE C 38 -2.85 -40.97 -3.05
C PHE C 38 -2.58 -41.68 -4.39
N ALA C 39 -1.61 -42.59 -4.41
CA ALA C 39 -1.17 -43.24 -5.65
C ALA C 39 -2.30 -43.97 -6.37
N GLU C 40 -3.06 -44.78 -5.65
CA GLU C 40 -4.20 -45.49 -6.21
C GLU C 40 -5.47 -44.65 -6.42
N ARG C 41 -5.49 -43.39 -6.00
CA ARG C 41 -6.66 -42.52 -6.23
C ARG C 41 -6.35 -41.23 -7.03
N THR C 42 -5.15 -41.13 -7.59
CA THR C 42 -4.78 -40.02 -8.45
C THR C 42 -4.08 -40.59 -9.69
N PHE C 43 -3.87 -39.73 -10.69
CA PHE C 43 -2.92 -40.03 -11.75
C PHE C 43 -2.16 -38.77 -12.12
N VAL C 44 -1.05 -38.94 -12.84
CA VAL C 44 -0.25 -37.84 -13.34
C VAL C 44 -0.43 -37.63 -14.86
N SER C 45 -0.30 -38.70 -15.65
CA SER C 45 -0.35 -38.61 -17.12
C SER C 45 -1.77 -38.70 -17.70
N ALA C 46 -2.14 -37.71 -18.51
CA ALA C 46 -3.39 -37.75 -19.27
C ALA C 46 -3.39 -38.79 -20.41
N VAL C 47 -2.21 -39.17 -20.90
CA VAL C 47 -2.06 -40.19 -21.93
C VAL C 47 -1.81 -41.54 -21.24
N PRO C 48 -2.58 -42.59 -21.60
CA PRO C 48 -2.33 -43.91 -21.03
C PRO C 48 -0.92 -44.46 -21.29
N LEU C 49 -0.45 -45.30 -20.37
CA LEU C 49 0.86 -45.96 -20.47
C LEU C 49 1.10 -46.56 -21.85
N ALA C 50 0.13 -47.34 -22.34
CA ALA C 50 0.18 -47.95 -23.69
C ALA C 50 0.72 -47.01 -24.75
N HIS C 51 0.05 -45.87 -24.90
CA HIS C 51 0.27 -44.97 -26.04
C HIS C 51 1.42 -43.96 -25.87
N LEU C 52 2.15 -44.00 -24.75
CA LEU C 52 3.15 -42.95 -24.43
C LEU C 52 4.36 -42.95 -25.36
N GLU C 53 4.86 -44.12 -25.75
CA GLU C 53 6.09 -44.23 -26.55
C GLU C 53 5.97 -43.61 -27.96
N LYS C 54 4.74 -43.49 -28.43
CA LYS C 54 4.44 -42.73 -29.63
C LYS C 54 4.87 -41.26 -29.54
N PHE C 55 4.87 -40.66 -28.34
CA PHE C 55 5.18 -39.22 -28.14
C PHE C 55 6.58 -38.89 -27.64
N GLU C 56 7.33 -39.92 -27.24
CA GLU C 56 8.63 -39.75 -26.59
C GLU C 56 9.76 -39.70 -27.59
N ASN C 57 10.61 -38.70 -27.45
CA ASN C 57 11.84 -38.54 -28.25
C ASN C 57 11.59 -38.48 -29.75
N LYS C 58 10.79 -37.48 -30.12
CA LYS C 58 10.39 -37.27 -31.49
C LYS C 58 10.63 -35.82 -31.89
N GLU C 59 10.56 -35.57 -33.19
CA GLU C 59 10.60 -34.24 -33.75
C GLU C 59 9.21 -33.91 -34.29
N VAL C 60 8.81 -32.65 -34.17
CA VAL C 60 7.67 -32.12 -34.90
C VAL C 60 8.26 -31.35 -36.08
N LEU C 61 7.66 -31.50 -37.25
CA LEU C 61 8.14 -30.76 -38.43
C LEU C 61 7.32 -29.51 -38.68
N PHE C 62 7.98 -28.51 -39.27
CA PHE C 62 7.34 -27.33 -39.83
C PHE C 62 6.68 -27.64 -41.18
N ARG C 63 7.14 -28.72 -41.83
CA ARG C 63 6.56 -29.22 -43.08
C ARG C 63 6.19 -30.69 -42.90
N PRO C 64 5.14 -30.98 -42.10
CA PRO C 64 4.75 -32.38 -41.86
C PRO C 64 4.38 -33.12 -43.15
N GLY C 65 5.04 -34.26 -43.35
CA GLY C 65 4.87 -35.07 -44.56
C GLY C 65 5.99 -34.96 -45.57
N PHE C 66 6.84 -33.95 -45.41
CA PHE C 66 7.95 -33.71 -46.34
C PHE C 66 9.28 -33.93 -45.67
N SER C 67 10.30 -34.24 -46.48
CA SER C 67 11.59 -34.67 -45.98
C SER C 67 12.77 -33.94 -46.63
N SER C 68 12.50 -32.83 -47.33
CA SER C 68 13.55 -32.10 -48.02
C SER C 68 14.23 -31.21 -46.99
N VAL C 69 15.33 -31.71 -46.44
CA VAL C 69 16.05 -31.04 -45.36
C VAL C 69 17.44 -30.62 -45.82
N ILE C 70 18.20 -30.00 -44.92
CA ILE C 70 19.61 -29.72 -45.15
C ILE C 70 20.37 -30.42 -44.05
N ASN C 71 21.00 -31.55 -44.38
CA ASN C 71 21.67 -32.38 -43.38
C ASN C 71 22.94 -31.73 -42.87
N ILE C 72 23.21 -31.92 -41.56
CA ILE C 72 24.41 -31.42 -40.88
C ILE C 72 25.17 -32.59 -40.27
N SER C 73 26.48 -32.71 -40.57
CA SER C 73 27.27 -33.87 -40.14
C SER C 73 27.48 -33.94 -38.62
N SER C 74 27.53 -35.16 -38.09
CA SER C 74 27.91 -35.42 -36.70
C SER C 74 29.43 -35.40 -36.47
N SER C 75 30.19 -35.15 -37.54
CA SER C 75 31.61 -34.83 -37.44
C SER C 75 31.92 -33.50 -36.74
N HIS C 76 30.97 -32.56 -36.75
CA HIS C 76 31.10 -31.28 -36.04
C HIS C 76 30.93 -31.41 -34.50
N ASN C 77 30.43 -32.54 -34.03
CA ASN C 77 30.17 -32.75 -32.60
C ASN C 77 31.47 -33.10 -31.88
N PHE C 78 31.79 -32.35 -30.83
CA PHE C 78 32.97 -32.62 -29.99
C PHE C 78 32.60 -32.92 -28.53
N SER C 79 31.31 -33.06 -28.25
CA SER C 79 30.82 -33.21 -26.88
C SER C 79 30.80 -34.69 -26.49
N ARG C 80 30.41 -34.94 -25.25
CA ARG C 80 30.10 -36.29 -24.76
C ARG C 80 28.61 -36.46 -24.98
N GLU C 81 28.13 -37.70 -24.93
CA GLU C 81 26.71 -37.94 -24.74
C GLU C 81 26.42 -37.67 -23.27
N ARG C 82 25.36 -36.91 -22.99
CA ARG C 82 24.87 -36.72 -21.62
C ARG C 82 24.50 -38.10 -21.12
N LEU C 83 24.92 -38.43 -19.89
CA LEU C 83 24.64 -39.77 -19.34
C LEU C 83 23.15 -39.98 -19.17
N PRO C 84 22.71 -41.26 -19.20
CA PRO C 84 21.32 -41.53 -18.81
C PRO C 84 21.02 -40.93 -17.44
N SER C 85 19.83 -40.35 -17.30
CA SER C 85 19.44 -39.73 -16.02
C SER C 85 19.21 -40.81 -14.98
N GLY C 86 19.93 -40.71 -13.86
CA GLY C 86 19.97 -41.75 -12.85
C GLY C 86 18.59 -42.04 -12.31
N ILE C 87 18.30 -43.31 -12.12
CA ILE C 87 17.06 -43.72 -11.46
C ILE C 87 17.44 -44.86 -10.55
N ASN C 88 16.62 -45.15 -9.56
CA ASN C 88 16.91 -46.24 -8.63
C ASN C 88 18.30 -46.03 -8.02
N PHE C 89 18.42 -44.97 -7.22
CA PHE C 89 19.69 -44.55 -6.62
C PHE C 89 20.05 -45.41 -5.42
N CYS C 90 21.35 -45.58 -5.18
CA CYS C 90 21.86 -46.35 -4.05
C CYS C 90 22.85 -45.48 -3.27
N ASP C 91 22.79 -45.56 -1.94
CA ASP C 91 23.68 -44.79 -1.06
C ASP C 91 24.51 -45.76 -0.19
N LYS C 92 25.03 -46.80 -0.83
CA LYS C 92 25.91 -47.73 -0.16
C LYS C 92 27.16 -46.96 0.23
N ASN C 93 27.73 -46.22 -0.70
CA ASN C 93 28.92 -45.39 -0.44
C ASN C 93 28.63 -44.13 0.39
N LYS C 94 29.66 -43.70 1.12
CA LYS C 94 29.68 -42.38 1.73
C LYS C 94 29.96 -41.38 0.61
N LEU C 95 29.29 -40.24 0.65
CA LEU C 95 29.57 -39.12 -0.26
C LEU C 95 30.10 -37.95 0.57
N SER C 96 31.20 -37.34 0.13
CA SER C 96 31.80 -36.23 0.87
C SER C 96 31.03 -34.93 0.66
N ILE C 97 31.17 -34.03 1.63
CA ILE C 97 30.79 -32.62 1.45
C ILE C 97 31.56 -31.96 0.29
N ARG C 98 32.83 -32.34 0.12
CA ARG C 98 33.72 -31.76 -0.89
C ARG C 98 33.20 -31.99 -2.31
N THR C 99 32.61 -33.17 -2.55
CA THR C 99 31.99 -33.48 -3.83
C THR C 99 30.72 -32.62 -4.09
N ILE C 100 29.94 -32.39 -3.04
CA ILE C 100 28.76 -31.51 -3.13
C ILE C 100 29.24 -30.06 -3.35
N GLU C 101 30.32 -29.67 -2.67
CA GLU C 101 30.94 -28.35 -2.86
C GLU C 101 31.40 -28.08 -4.30
N LYS C 102 31.91 -29.12 -4.98
CA LYS C 102 32.33 -29.01 -6.39
C LYS C 102 31.12 -28.77 -7.28
N LEU C 103 30.02 -29.47 -7.01
CA LEU C 103 28.78 -29.27 -7.77
C LEU C 103 28.30 -27.83 -7.65
N LEU C 104 28.19 -27.32 -6.42
CA LEU C 104 27.62 -25.98 -6.17
C LEU C 104 28.48 -24.86 -6.71
N VAL C 105 29.79 -24.97 -6.52
CA VAL C 105 30.72 -23.93 -6.94
C VAL C 105 30.76 -23.85 -8.48
N ASN C 106 30.89 -24.99 -9.14
CA ASN C 106 31.02 -25.01 -10.60
C ASN C 106 29.71 -24.63 -11.31
N ALA C 107 28.59 -25.18 -10.86
CA ALA C 107 27.29 -24.93 -11.52
C ALA C 107 26.72 -23.52 -11.38
N PHE C 108 27.01 -22.83 -10.27
CA PHE C 108 26.31 -21.57 -9.90
C PHE C 108 27.16 -20.32 -9.63
N SER C 109 28.49 -20.49 -9.58
CA SER C 109 29.42 -19.43 -9.13
C SER C 109 30.60 -19.27 -10.08
N SER C 110 31.22 -18.08 -10.04
CA SER C 110 32.44 -17.83 -10.80
C SER C 110 33.61 -18.56 -10.16
N PRO C 111 34.66 -18.85 -10.94
CA PRO C 111 35.92 -19.31 -10.34
C PRO C 111 36.60 -18.26 -9.47
N ASP C 112 36.39 -16.98 -9.78
CA ASP C 112 36.93 -15.86 -9.00
C ASP C 112 35.96 -15.51 -7.87
N PRO C 113 36.34 -15.75 -6.60
CA PRO C 113 35.37 -15.54 -5.51
C PRO C 113 35.05 -14.08 -5.18
N GLY C 114 35.84 -13.13 -5.70
CA GLY C 114 35.49 -11.70 -5.68
C GLY C 114 34.50 -11.25 -6.74
N SER C 115 34.31 -12.06 -7.79
CA SER C 115 33.41 -11.71 -8.91
C SER C 115 31.94 -11.82 -8.55
N VAL C 116 31.11 -11.14 -9.34
CA VAL C 116 29.65 -11.30 -9.26
C VAL C 116 29.04 -11.99 -10.48
N ARG C 117 29.75 -12.01 -11.62
CA ARG C 117 29.26 -12.72 -12.79
C ARG C 117 29.12 -14.21 -12.49
N ARG C 118 27.90 -14.74 -12.58
CA ARG C 118 27.67 -16.18 -12.36
C ARG C 118 27.81 -16.89 -13.71
N PRO C 119 27.89 -18.25 -13.71
CA PRO C 119 28.03 -19.03 -14.95
C PRO C 119 26.71 -19.34 -15.70
N TYR C 120 25.68 -18.53 -15.48
CA TYR C 120 24.47 -18.54 -16.29
C TYR C 120 23.92 -17.12 -16.30
N PRO C 121 23.21 -16.74 -17.37
CA PRO C 121 22.69 -15.39 -17.44
C PRO C 121 21.27 -15.27 -16.88
N SER C 122 20.87 -14.02 -16.60
CA SER C 122 19.61 -13.70 -15.96
C SER C 122 19.05 -12.38 -16.52
N GLY C 123 17.75 -12.36 -16.80
CA GLY C 123 17.10 -11.12 -17.21
C GLY C 123 17.28 -9.98 -16.23
N GLY C 124 17.88 -8.88 -16.69
CA GLY C 124 18.15 -7.73 -15.83
C GLY C 124 19.19 -7.93 -14.73
N ALA C 125 19.95 -9.03 -14.82
CA ALA C 125 20.86 -9.47 -13.77
C ALA C 125 20.16 -9.53 -12.40
N LEU C 126 18.90 -9.95 -12.39
CA LEU C 126 18.11 -9.96 -11.17
C LEU C 126 18.24 -11.28 -10.37
N TYR C 127 18.45 -12.40 -11.06
CA TYR C 127 18.66 -13.68 -10.39
C TYR C 127 17.58 -13.98 -9.34
N PRO C 128 16.32 -14.15 -9.78
CA PRO C 128 15.23 -14.38 -8.83
C PRO C 128 15.06 -15.81 -8.38
N ILE C 129 15.95 -16.73 -8.80
CA ILE C 129 15.83 -18.14 -8.46
C ILE C 129 16.85 -18.44 -7.37
N GLU C 130 16.46 -19.24 -6.38
CA GLU C 130 17.33 -19.62 -5.25
C GLU C 130 17.54 -21.13 -5.24
N VAL C 131 18.75 -21.58 -4.88
CA VAL C 131 19.07 -23.01 -4.78
C VAL C 131 19.11 -23.45 -3.31
N PHE C 132 18.31 -24.45 -2.97
CA PHE C 132 18.40 -25.10 -1.67
C PHE C 132 18.92 -26.51 -1.85
N LEU C 133 19.63 -26.98 -0.81
CA LEU C 133 20.32 -28.26 -0.81
C LEU C 133 19.71 -29.10 0.30
N CYS C 134 19.35 -30.33 -0.03
CA CYS C 134 18.63 -31.21 0.86
C CYS C 134 19.40 -32.49 1.06
N ARG C 135 19.82 -32.75 2.30
CA ARG C 135 20.50 -33.98 2.69
C ARG C 135 19.45 -35.04 2.93
N LEU C 136 19.54 -36.13 2.17
CA LEU C 136 18.50 -37.18 2.12
C LEU C 136 18.95 -38.53 2.59
N SER C 137 20.26 -38.69 2.85
CA SER C 137 20.80 -39.96 3.33
C SER C 137 21.69 -39.79 4.57
N GLU C 138 21.61 -40.76 5.48
CA GLU C 138 22.49 -40.82 6.65
C GLU C 138 23.97 -41.04 6.25
N ASN C 139 24.21 -41.70 5.11
CA ASN C 139 25.56 -41.86 4.54
C ASN C 139 26.08 -40.62 3.80
N THR C 140 25.25 -39.60 3.64
CA THR C 140 25.72 -38.30 3.16
C THR C 140 26.42 -37.57 4.30
N GLU C 141 27.56 -36.97 3.99
CA GLU C 141 28.35 -36.21 4.96
C GLU C 141 27.70 -34.84 5.15
N ASN C 142 27.72 -34.32 6.38
CA ASN C 142 27.07 -33.04 6.73
C ASN C 142 28.06 -32.03 7.33
N TRP C 143 27.88 -30.76 6.96
CA TRP C 143 28.73 -29.66 7.45
C TRP C 143 28.42 -29.33 8.90
N GLN C 144 27.13 -29.24 9.20
CA GLN C 144 26.63 -28.93 10.52
C GLN C 144 25.59 -29.96 10.93
N ALA C 145 25.88 -30.66 12.04
CA ALA C 145 25.07 -31.78 12.52
C ALA C 145 23.61 -31.41 12.73
N GLY C 146 22.72 -32.30 12.29
CA GLY C 146 21.28 -32.10 12.45
C GLY C 146 20.63 -31.26 11.36
N THR C 147 21.43 -30.57 10.55
CA THR C 147 20.90 -29.63 9.54
C THR C 147 20.92 -30.26 8.15
N ASN C 148 19.74 -30.60 7.64
CA ASN C 148 19.58 -31.28 6.36
C ASN C 148 19.04 -30.41 5.24
N VAL C 149 18.67 -29.16 5.52
CA VAL C 149 18.36 -28.20 4.44
C VAL C 149 19.26 -26.99 4.59
N TYR C 150 19.84 -26.56 3.48
CA TYR C 150 20.68 -25.38 3.42
C TYR C 150 20.27 -24.53 2.23
N HIS C 151 20.66 -23.26 2.25
CA HIS C 151 20.45 -22.33 1.15
C HIS C 151 21.81 -21.92 0.63
N TYR C 152 22.03 -22.05 -0.68
CA TYR C 152 23.32 -21.70 -1.29
C TYR C 152 23.36 -20.26 -1.74
N LEU C 153 24.44 -19.58 -1.39
CA LEU C 153 24.68 -18.18 -1.69
C LEU C 153 25.72 -18.15 -2.81
N PRO C 154 25.27 -18.00 -4.08
CA PRO C 154 26.16 -18.17 -5.25
C PRO C 154 27.34 -17.19 -5.35
N LEU C 155 27.19 -15.98 -4.80
CA LEU C 155 28.25 -14.98 -4.82
C LEU C 155 29.17 -15.16 -3.63
N SER C 156 28.58 -15.17 -2.44
CA SER C 156 29.31 -15.43 -1.21
C SER C 156 29.96 -16.82 -1.20
N GLN C 157 29.39 -17.76 -1.96
CA GLN C 157 29.89 -19.13 -2.06
C GLN C 157 29.92 -19.76 -0.68
N ALA C 158 28.73 -19.82 -0.08
CA ALA C 158 28.55 -20.34 1.27
C ALA C 158 27.16 -20.96 1.45
N LEU C 159 27.10 -21.94 2.35
CA LEU C 159 25.84 -22.55 2.77
C LEU C 159 25.28 -21.85 4.01
N GLU C 160 23.97 -21.64 4.00
CA GLU C 160 23.25 -20.96 5.05
C GLU C 160 22.24 -21.97 5.59
N PRO C 161 22.32 -22.33 6.88
CA PRO C 161 21.40 -23.32 7.45
C PRO C 161 19.94 -22.89 7.36
N VAL C 162 19.08 -23.85 7.00
CA VAL C 162 17.66 -23.59 6.74
C VAL C 162 16.72 -24.45 7.59
N ALA C 163 17.00 -25.73 7.71
CA ALA C 163 16.12 -26.63 8.44
C ALA C 163 16.87 -27.79 9.08
N THR C 164 16.37 -28.21 10.24
CA THR C 164 16.86 -29.42 10.90
C THR C 164 15.75 -30.48 10.93
N CYS C 165 15.01 -30.59 9.84
CA CYS C 165 14.04 -31.67 9.67
C CYS C 165 14.83 -32.95 9.42
N ASN C 166 14.30 -34.07 9.89
CA ASN C 166 15.01 -35.35 9.71
C ASN C 166 15.08 -35.78 8.24
N THR C 167 16.13 -36.53 7.93
CA THR C 167 16.42 -37.04 6.59
C THR C 167 15.22 -37.72 5.91
N GLN C 168 14.46 -38.51 6.69
CA GLN C 168 13.32 -39.25 6.16
C GLN C 168 12.23 -38.33 5.65
N SER C 169 11.83 -37.35 6.47
CA SER C 169 10.76 -36.41 6.09
C SER C 169 11.05 -35.61 4.83
N LEU C 170 12.31 -35.21 4.68
CA LEU C 170 12.74 -34.36 3.59
C LEU C 170 12.73 -35.17 2.30
N TYR C 171 13.15 -36.43 2.37
CA TYR C 171 13.07 -37.36 1.24
C TYR C 171 11.61 -37.77 0.92
N ARG C 172 10.78 -37.90 1.94
CA ARG C 172 9.37 -38.18 1.72
C ARG C 172 8.74 -37.09 0.88
N SER C 173 8.94 -35.83 1.28
CA SER C 173 8.34 -34.68 0.60
C SER C 173 8.83 -34.49 -0.83
N LEU C 174 10.14 -34.62 -1.00
CA LEU C 174 10.80 -34.37 -2.29
C LEU C 174 10.59 -35.47 -3.34
N SER C 175 10.44 -36.71 -2.89
CA SER C 175 10.27 -37.86 -3.77
C SER C 175 8.83 -38.06 -4.23
N GLY C 176 7.87 -37.50 -3.50
CA GLY C 176 6.44 -37.72 -3.77
C GLY C 176 6.05 -39.19 -3.87
N GLY C 177 5.02 -39.47 -4.67
CA GLY C 177 4.47 -40.83 -4.83
C GLY C 177 5.37 -41.91 -5.40
N ASP C 178 6.42 -41.56 -6.13
CA ASP C 178 7.23 -42.51 -6.90
C ASP C 178 8.60 -42.82 -6.26
N SER C 179 8.65 -42.79 -4.93
CA SER C 179 9.92 -42.96 -4.19
C SER C 179 10.51 -44.35 -4.35
N GLU C 180 9.63 -45.34 -4.49
CA GLU C 180 10.01 -46.74 -4.70
C GLU C 180 10.99 -46.86 -5.87
N ARG C 181 10.58 -46.33 -7.03
CA ARG C 181 11.41 -46.34 -8.24
C ARG C 181 12.62 -45.41 -8.10
N LEU C 182 12.43 -44.27 -7.44
CA LEU C 182 13.51 -43.29 -7.24
C LEU C 182 14.71 -43.93 -6.58
N GLY C 183 14.46 -44.64 -5.47
CA GLY C 183 15.51 -45.27 -4.68
C GLY C 183 16.04 -44.35 -3.60
N LYS C 184 17.33 -44.50 -3.29
CA LYS C 184 17.98 -43.79 -2.20
C LYS C 184 19.09 -42.88 -2.73
N PRO C 185 18.74 -41.64 -3.13
CA PRO C 185 19.77 -40.66 -3.45
C PRO C 185 20.43 -40.03 -2.19
N HIS C 186 21.59 -39.42 -2.40
CA HIS C 186 22.39 -38.83 -1.32
C HIS C 186 21.90 -37.42 -0.95
N PHE C 187 21.63 -36.62 -1.97
CA PHE C 187 21.11 -35.29 -1.74
C PHE C 187 20.26 -34.83 -2.94
N ALA C 188 19.73 -33.61 -2.85
CA ALA C 188 18.98 -33.02 -3.93
C ALA C 188 19.12 -31.51 -3.87
N LEU C 189 19.11 -30.86 -5.02
CA LEU C 189 18.95 -29.42 -5.09
C LEU C 189 17.50 -29.14 -5.36
N VAL C 190 16.98 -28.09 -4.72
CA VAL C 190 15.63 -27.63 -4.97
C VAL C 190 15.74 -26.17 -5.43
N TYR C 191 15.15 -25.88 -6.58
CA TYR C 191 15.22 -24.56 -7.21
C TYR C 191 13.88 -23.86 -6.93
N CYS C 192 13.92 -22.58 -6.54
CA CYS C 192 12.74 -21.86 -6.07
C CYS C 192 12.66 -20.45 -6.61
N ILE C 193 11.44 -20.03 -6.92
CA ILE C 193 11.16 -18.70 -7.42
C ILE C 193 10.68 -17.78 -6.27
N ILE C 194 11.37 -16.67 -6.07
CA ILE C 194 10.86 -15.60 -5.22
C ILE C 194 10.00 -14.78 -6.17
N PHE C 195 8.69 -14.84 -5.97
CA PHE C 195 7.73 -14.25 -6.92
C PHE C 195 7.96 -12.76 -7.13
N GLU C 196 8.03 -12.01 -6.02
CA GLU C 196 8.15 -10.55 -6.07
C GLU C 196 9.45 -10.05 -6.73
N LYS C 197 10.53 -10.81 -6.59
CA LYS C 197 11.79 -10.53 -7.28
C LYS C 197 11.72 -10.87 -8.78
N ALA C 198 10.97 -11.90 -9.13
CA ALA C 198 10.75 -12.24 -10.53
C ALA C 198 9.81 -11.27 -11.25
N LEU C 199 8.94 -10.56 -10.55
CA LEU C 199 7.92 -9.72 -11.20
C LEU C 199 8.12 -8.20 -11.14
N PHE C 200 8.94 -7.72 -10.22
CA PHE C 200 8.99 -6.27 -9.92
C PHE C 200 9.51 -5.35 -11.02
N LYS C 201 10.37 -5.84 -11.90
CA LYS C 201 10.89 -5.03 -13.01
C LYS C 201 10.13 -5.25 -14.34
N TYR C 202 9.95 -6.50 -14.73
CA TYR C 202 9.41 -6.84 -16.05
C TYR C 202 7.93 -7.25 -16.03
N ARG C 203 7.30 -7.22 -14.85
CA ARG C 203 5.90 -7.66 -14.70
C ARG C 203 5.74 -9.11 -15.16
N TYR C 204 4.64 -9.43 -15.84
CA TYR C 204 4.31 -10.82 -16.24
C TYR C 204 5.43 -11.56 -16.96
N ARG C 205 6.15 -10.87 -17.82
CA ARG C 205 7.26 -11.51 -18.53
C ARG C 205 8.41 -11.96 -17.61
N GLY C 206 8.54 -11.33 -16.44
CA GLY C 206 9.52 -11.78 -15.45
C GLY C 206 9.34 -13.22 -14.96
N TYR C 207 8.09 -13.66 -14.86
CA TYR C 207 7.77 -15.06 -14.49
C TYR C 207 8.38 -16.06 -15.49
N ARG C 208 8.12 -15.82 -16.77
CA ARG C 208 8.66 -16.62 -17.85
C ARG C 208 10.21 -16.63 -17.83
N MET C 209 10.79 -15.44 -17.75
CA MET C 209 12.24 -15.27 -17.61
C MET C 209 12.80 -16.02 -16.39
N ALA C 210 12.07 -15.99 -15.27
CA ALA C 210 12.47 -16.74 -14.08
C ALA C 210 12.45 -18.24 -14.33
N LEU C 211 11.33 -18.77 -14.81
CA LEU C 211 11.20 -20.20 -15.08
C LEU C 211 12.25 -20.74 -16.09
N MET C 212 12.62 -19.95 -17.10
CA MET C 212 13.70 -20.32 -18.01
C MET C 212 15.08 -20.28 -17.33
N GLU C 213 15.31 -19.26 -16.52
CA GLU C 213 16.51 -19.20 -15.69
C GLU C 213 16.71 -20.48 -14.88
N THR C 214 15.62 -21.00 -14.31
CA THR C 214 15.69 -22.21 -13.50
C THR C 214 16.28 -23.39 -14.27
N GLY C 215 15.93 -23.51 -15.55
CA GLY C 215 16.43 -24.57 -16.39
C GLY C 215 17.88 -24.41 -16.73
N SER C 216 18.32 -23.16 -16.96
CA SER C 216 19.75 -22.87 -17.17
C SER C 216 20.54 -23.38 -15.97
N MET C 217 19.98 -23.20 -14.79
CA MET C 217 20.63 -23.63 -13.55
C MET C 217 20.75 -25.14 -13.42
N TYR C 218 19.62 -25.86 -13.54
CA TYR C 218 19.65 -27.32 -13.43
C TYR C 218 20.43 -27.99 -14.53
N GLN C 219 20.56 -27.32 -15.68
CA GLN C 219 21.35 -27.86 -16.80
C GLN C 219 22.84 -27.73 -16.51
N ASN C 220 23.28 -26.57 -16.01
CA ASN C 220 24.65 -26.46 -15.46
C ASN C 220 24.89 -27.55 -14.45
N ALA C 221 23.92 -27.82 -13.56
CA ALA C 221 24.03 -28.94 -12.62
C ALA C 221 24.16 -30.29 -13.34
N VAL C 222 23.30 -30.52 -14.34
CA VAL C 222 23.34 -31.73 -15.19
C VAL C 222 24.74 -31.91 -15.77
N LEU C 223 25.23 -30.87 -16.45
CA LEU C 223 26.55 -30.93 -17.06
C LEU C 223 27.69 -31.09 -16.05
N VAL C 224 27.63 -30.33 -14.95
CA VAL C 224 28.66 -30.39 -13.88
C VAL C 224 28.72 -31.78 -13.23
N ALA C 225 27.55 -32.30 -12.84
CA ALA C 225 27.42 -33.64 -12.24
C ALA C 225 28.05 -34.75 -13.08
N ASP C 226 27.74 -34.75 -14.38
CA ASP C 226 28.34 -35.72 -15.33
C ASP C 226 29.87 -35.78 -15.22
N GLN C 227 30.49 -34.61 -15.18
CA GLN C 227 31.96 -34.49 -15.18
C GLN C 227 32.62 -34.94 -13.88
N ILE C 228 31.89 -34.94 -12.76
CA ILE C 228 32.49 -35.34 -11.49
C ILE C 228 32.00 -36.71 -11.01
N GLY C 229 31.23 -37.41 -11.83
CA GLY C 229 30.87 -38.81 -11.59
C GLY C 229 29.62 -39.00 -10.74
N LEU C 230 28.65 -38.10 -10.90
CA LEU C 230 27.37 -38.17 -10.20
C LEU C 230 26.24 -38.36 -11.20
N LYS C 231 25.45 -39.42 -11.03
CA LYS C 231 24.22 -39.60 -11.77
C LYS C 231 23.20 -38.62 -11.18
N ASN C 232 22.27 -38.13 -11.99
CA ASN C 232 21.27 -37.19 -11.50
C ASN C 232 19.92 -37.40 -12.16
N ARG C 233 18.91 -36.71 -11.66
CA ARG C 233 17.60 -36.72 -12.25
C ARG C 233 16.80 -35.49 -11.80
N VAL C 234 16.51 -34.61 -12.76
CA VAL C 234 15.49 -33.57 -12.59
C VAL C 234 14.17 -34.27 -12.30
N TRP C 235 13.38 -33.70 -11.38
CA TRP C 235 12.21 -34.39 -10.82
C TRP C 235 11.05 -33.44 -10.57
N ALA C 236 9.88 -33.79 -11.07
CA ALA C 236 8.69 -32.96 -10.96
C ALA C 236 7.58 -33.60 -10.12
N GLY C 237 7.69 -34.88 -9.78
CA GLY C 237 6.67 -35.56 -8.98
C GLY C 237 6.80 -35.36 -7.47
N TYR C 238 6.42 -34.18 -7.02
CA TYR C 238 6.44 -33.85 -5.60
C TYR C 238 5.26 -32.91 -5.30
N THR C 239 4.73 -33.02 -4.08
CA THR C 239 3.70 -32.13 -3.59
C THR C 239 4.35 -30.77 -3.28
N ASP C 240 4.06 -29.76 -4.09
CA ASP C 240 4.74 -28.47 -3.99
C ASP C 240 4.63 -27.79 -2.63
N SER C 241 3.44 -27.77 -2.04
CA SER C 241 3.27 -27.13 -0.73
C SER C 241 3.95 -27.90 0.40
N TYR C 242 4.07 -29.21 0.25
CA TYR C 242 4.65 -30.06 1.29
C TYR C 242 6.18 -29.88 1.37
N VAL C 243 6.82 -29.75 0.21
CA VAL C 243 8.26 -29.46 0.12
C VAL C 243 8.61 -28.08 0.71
N ALA C 244 7.73 -27.11 0.47
CA ALA C 244 7.87 -25.78 1.03
C ALA C 244 7.77 -25.81 2.56
N LYS C 245 6.68 -26.35 3.09
CA LYS C 245 6.52 -26.50 4.53
C LYS C 245 7.75 -27.22 5.13
N THR C 246 8.12 -28.34 4.53
CA THR C 246 9.26 -29.15 4.99
C THR C 246 10.60 -28.41 4.98
N MET C 247 10.77 -27.49 4.04
CA MET C 247 11.98 -26.65 3.98
C MET C 247 11.76 -25.29 4.66
N ASN C 248 10.71 -25.15 5.45
CA ASN C 248 10.40 -23.89 6.14
C ASN C 248 10.35 -22.69 5.20
N LEU C 249 9.72 -22.87 4.05
CA LEU C 249 9.50 -21.77 3.12
C LEU C 249 8.10 -21.18 3.31
N ASP C 250 8.02 -19.86 3.24
CA ASP C 250 6.76 -19.15 3.23
C ASP C 250 6.27 -19.11 1.78
N GLN C 251 5.16 -19.79 1.51
CA GLN C 251 4.67 -19.95 0.13
C GLN C 251 4.11 -18.66 -0.47
N ARG C 252 3.76 -17.70 0.39
CA ARG C 252 3.35 -16.36 -0.01
C ARG C 252 4.46 -15.57 -0.71
N THR C 253 5.71 -15.96 -0.47
CA THR C 253 6.90 -15.30 -1.01
C THR C 253 7.67 -16.14 -2.03
N VAL C 254 7.76 -17.45 -1.80
CA VAL C 254 8.68 -18.33 -2.52
C VAL C 254 8.11 -19.73 -2.72
N ALA C 255 8.40 -20.35 -3.85
CA ALA C 255 7.81 -21.65 -4.22
C ALA C 255 8.81 -22.54 -4.96
N PRO C 256 8.79 -23.85 -4.66
CA PRO C 256 9.65 -24.82 -5.38
C PRO C 256 9.23 -25.10 -6.83
N LEU C 257 10.04 -24.70 -7.79
CA LEU C 257 9.75 -24.96 -9.23
C LEU C 257 10.10 -26.35 -9.69
N ILE C 258 11.28 -26.81 -9.28
CA ILE C 258 11.80 -28.10 -9.67
C ILE C 258 12.80 -28.66 -8.63
N VAL C 259 12.70 -29.98 -8.41
CA VAL C 259 13.64 -30.74 -7.58
C VAL C 259 14.57 -31.54 -8.51
N GLN C 260 15.84 -31.63 -8.11
CA GLN C 260 16.85 -32.38 -8.86
C GLN C 260 17.62 -33.26 -7.90
N PHE C 261 17.62 -34.57 -8.18
CA PHE C 261 18.23 -35.57 -7.32
C PHE C 261 19.66 -35.93 -7.75
N PHE C 262 20.47 -36.37 -6.78
CA PHE C 262 21.89 -36.69 -7.01
C PHE C 262 22.35 -37.88 -6.16
N GLY C 263 23.33 -38.61 -6.66
CA GLY C 263 23.91 -39.78 -5.98
C GLY C 263 24.37 -40.83 -6.97
N ASP C 264 24.63 -42.03 -6.43
CA ASP C 264 25.14 -43.15 -7.21
C ASP C 264 24.01 -44.10 -7.60
N VAL C 265 24.23 -44.85 -8.69
CA VAL C 265 23.39 -45.99 -9.08
C VAL C 265 24.29 -47.23 -9.16
N ASN C 266 24.02 -48.25 -8.33
CA ASN C 266 24.89 -49.43 -8.19
C ASN C 266 24.21 -50.57 -7.42
N ASP C 267 25.00 -51.55 -6.96
CA ASP C 267 24.50 -52.64 -6.11
C ASP C 267 24.20 -52.14 -4.69
N MET D 1 4.20 -7.47 -0.59
CA MET D 1 2.75 -7.81 -0.50
C MET D 1 1.90 -6.66 0.02
N ILE D 2 0.58 -6.81 -0.09
CA ILE D 2 -0.42 -5.75 0.14
C ILE D 2 -0.31 -4.62 -0.89
N ASN D 3 0.77 -3.83 -0.79
CA ASN D 3 1.20 -2.91 -1.86
C ASN D 3 0.15 -1.89 -2.30
N VAL D 4 -0.38 -1.16 -1.30
CA VAL D 4 -1.31 -0.06 -1.54
C VAL D 4 -0.52 1.21 -1.76
N TYR D 5 -0.81 1.89 -2.86
CA TYR D 5 -0.17 3.12 -3.25
C TYR D 5 -1.24 4.20 -3.32
N SER D 6 -0.87 5.43 -2.95
CA SER D 6 -1.75 6.59 -3.09
C SER D 6 -0.98 7.75 -3.76
N ASN D 7 -1.66 8.49 -4.64
CA ASN D 7 -1.02 9.62 -5.34
C ASN D 7 -0.73 10.82 -4.42
N LEU D 8 -0.12 11.86 -4.98
CA LEU D 8 0.23 13.08 -4.25
C LEU D 8 -0.99 13.88 -3.76
N MET D 9 -2.14 13.71 -4.43
CA MET D 9 -3.41 14.36 -4.03
C MET D 9 -4.25 13.62 -2.95
N SER D 10 -3.71 12.53 -2.38
CA SER D 10 -4.45 11.67 -1.47
C SER D 10 -4.32 12.12 -0.04
N ALA D 11 -5.28 11.69 0.79
CA ALA D 11 -5.19 11.80 2.25
C ALA D 11 -4.31 10.70 2.83
N TRP D 12 -4.04 9.67 2.03
CA TRP D 12 -3.43 8.44 2.48
C TRP D 12 -1.97 8.37 2.04
N PRO D 13 -1.13 7.70 2.85
CA PRO D 13 0.30 7.67 2.55
C PRO D 13 0.62 7.01 1.21
N ALA D 14 1.80 7.33 0.68
CA ALA D 14 2.23 6.86 -0.61
C ALA D 14 2.38 5.33 -0.70
N THR D 15 2.75 4.66 0.39
CA THR D 15 2.98 3.21 0.38
C THR D 15 2.65 2.56 1.72
N MET D 16 2.00 1.40 1.65
CA MET D 16 1.92 0.41 2.73
C MET D 16 2.31 -0.91 2.09
N ALA D 17 3.36 -1.56 2.60
CA ALA D 17 3.81 -2.84 2.10
C ALA D 17 4.12 -3.80 3.23
N MET D 18 3.67 -5.03 3.08
CA MET D 18 4.09 -6.15 3.90
C MET D 18 5.32 -6.71 3.22
N SER D 19 6.35 -7.00 3.98
CA SER D 19 7.60 -7.45 3.40
C SER D 19 7.54 -8.95 3.05
N PRO D 20 8.11 -9.37 1.90
CA PRO D 20 8.20 -10.81 1.65
C PRO D 20 9.35 -11.36 2.44
N LYS D 21 9.33 -12.66 2.70
CA LYS D 21 10.42 -13.34 3.40
C LYS D 21 10.53 -14.82 3.01
N LEU D 22 11.75 -15.34 2.89
CA LEU D 22 11.93 -16.76 2.59
C LEU D 22 11.44 -17.66 3.73
N ASN D 23 11.90 -17.37 4.94
CA ASN D 23 11.73 -18.24 6.12
C ASN D 23 10.34 -18.07 6.68
N ARG D 24 9.54 -19.12 6.69
CA ARG D 24 8.17 -19.02 7.21
C ARG D 24 8.13 -18.73 8.72
N ASN D 25 9.18 -19.11 9.45
CA ASN D 25 9.28 -18.90 10.91
C ASN D 25 9.86 -17.55 11.32
N MET D 26 10.31 -16.72 10.37
CA MET D 26 10.77 -15.36 10.69
C MET D 26 9.54 -14.48 10.76
N PRO D 27 9.55 -13.43 11.60
CA PRO D 27 8.34 -12.61 11.67
C PRO D 27 8.06 -11.82 10.37
N THR D 28 6.79 -11.45 10.19
CA THR D 28 6.37 -10.56 9.13
C THR D 28 6.69 -9.13 9.59
N PHE D 29 7.27 -8.34 8.68
CA PHE D 29 7.57 -6.94 8.88
C PHE D 29 6.69 -6.14 7.92
N SER D 30 5.75 -5.36 8.45
CA SER D 30 4.92 -4.47 7.63
C SER D 30 5.34 -3.02 7.86
N GLN D 31 5.22 -2.19 6.82
CA GLN D 31 5.79 -0.86 6.83
C GLN D 31 4.97 0.11 5.99
N ILE D 32 4.90 1.37 6.46
CA ILE D 32 4.22 2.44 5.77
C ILE D 32 5.25 3.53 5.55
N TRP D 33 5.20 4.16 4.38
CA TRP D 33 6.17 5.15 3.97
C TRP D 33 5.45 6.35 3.34
N ASP D 34 5.79 7.57 3.81
CA ASP D 34 5.28 8.80 3.19
C ASP D 34 6.07 10.08 3.60
N TYR D 35 7.24 10.27 2.99
CA TYR D 35 7.96 11.57 3.06
C TYR D 35 8.29 12.09 4.47
N THR D 39 9.00 10.02 9.27
CA THR D 39 9.67 8.71 9.23
C THR D 39 8.78 7.66 8.56
N PRO D 40 9.32 6.43 8.35
CA PRO D 40 8.47 5.26 8.08
C PRO D 40 7.94 4.64 9.37
N ALA D 41 6.64 4.31 9.40
CA ALA D 41 6.03 3.53 10.47
C ALA D 41 6.07 2.05 10.10
N SER D 42 6.43 1.20 11.05
CA SER D 42 6.55 -0.23 10.80
C SER D 42 6.11 -1.03 12.01
N ALA D 43 6.02 -2.34 11.82
CA ALA D 43 5.70 -3.29 12.91
C ALA D 43 6.04 -4.70 12.49
N ALA D 44 6.36 -5.54 13.49
CA ALA D 44 6.78 -6.92 13.26
C ALA D 44 6.06 -7.92 14.16
N GLY D 45 5.88 -9.14 13.65
CA GLY D 45 5.33 -10.24 14.43
C GLY D 45 4.48 -11.15 13.57
N GLU D 46 3.37 -11.63 14.14
CA GLU D 46 2.35 -12.37 13.38
C GLU D 46 1.79 -11.45 12.28
N THR D 47 1.46 -12.04 11.14
CA THR D 47 1.14 -11.26 9.92
C THR D 47 0.09 -10.15 10.10
N LEU D 48 -1.10 -10.50 10.59
CA LEU D 48 -2.16 -9.50 10.78
C LEU D 48 -1.77 -8.45 11.80
N LYS D 49 -1.11 -8.86 12.88
CA LYS D 49 -0.65 -7.92 13.92
C LYS D 49 0.42 -6.98 13.38
N SER D 50 1.29 -7.51 12.51
CA SER D 50 2.30 -6.68 11.84
C SER D 50 1.63 -5.56 11.02
N ILE D 51 0.58 -5.91 10.28
CA ILE D 51 -0.17 -4.93 9.50
C ILE D 51 -0.90 -3.93 10.41
N GLN D 52 -1.59 -4.45 11.42
CA GLN D 52 -2.33 -3.62 12.40
C GLN D 52 -1.42 -2.68 13.15
N GLY D 53 -0.24 -3.18 13.50
CA GLY D 53 0.77 -2.38 14.17
C GLY D 53 1.21 -1.22 13.30
N ALA D 54 1.60 -1.53 12.06
CA ALA D 54 2.11 -0.53 11.13
C ALA D 54 1.06 0.54 10.82
N ILE D 55 -0.20 0.13 10.67
CA ILE D 55 -1.26 1.09 10.42
C ILE D 55 -1.41 1.93 11.67
N GLY D 56 -1.53 1.27 12.83
CA GLY D 56 -1.64 1.93 14.12
C GLY D 56 -0.50 2.85 14.49
N GLU D 57 0.72 2.50 14.10
CA GLU D 57 1.88 3.34 14.35
C GLU D 57 1.83 4.59 13.49
N TYR D 58 1.41 4.44 12.24
CA TYR D 58 1.26 5.57 11.32
C TYR D 58 0.17 6.55 11.80
N PHE D 59 -0.97 6.00 12.20
CA PHE D 59 -2.07 6.80 12.78
C PHE D 59 -1.61 7.55 14.04
N GLU D 60 -0.87 6.88 14.92
CA GLU D 60 -0.34 7.49 16.14
C GLU D 60 0.53 8.69 15.82
N ARG D 61 1.55 8.49 14.99
CA ARG D 61 2.47 9.57 14.65
C ARG D 61 1.77 10.76 13.98
N ARG D 62 0.83 10.47 13.09
N ARG D 62 0.82 10.47 13.09
CA ARG D 62 0.06 11.52 12.41
CA ARG D 62 0.07 11.52 12.40
C ARG D 62 -0.66 12.42 13.41
C ARG D 62 -0.68 12.42 13.40
N HIS D 63 -1.31 11.81 14.39
CA HIS D 63 -2.11 12.56 15.38
C HIS D 63 -1.27 13.48 16.26
N PHE D 64 -0.23 12.93 16.89
CA PHE D 64 0.63 13.70 17.77
C PHE D 64 1.58 14.67 17.06
N PHE D 65 1.75 14.53 15.73
CA PHE D 65 2.47 15.54 14.91
C PHE D 65 1.57 16.57 14.19
N ASN D 66 0.31 16.26 13.89
CA ASN D 66 -0.55 17.17 13.05
C ASN D 66 -1.94 17.59 13.59
N GLU D 67 -2.57 16.78 14.45
CA GLU D 67 -4.03 16.85 14.66
C GLU D 67 -4.45 17.23 16.10
N ILE D 68 -3.55 17.85 16.87
CA ILE D 68 -3.85 18.16 18.27
C ILE D 68 -4.63 19.48 18.34
N VAL D 69 -5.92 19.37 18.65
CA VAL D 69 -6.79 20.54 18.89
C VAL D 69 -6.60 21.06 20.32
N THR D 70 -6.08 22.28 20.45
CA THR D 70 -5.98 22.95 21.75
C THR D 70 -7.38 23.42 22.17
N GLY D 71 -7.50 23.87 23.43
CA GLY D 71 -8.82 24.21 24.00
C GLY D 71 -8.80 25.47 24.83
N GLY D 72 -8.26 26.52 24.24
CA GLY D 72 -8.09 27.80 24.94
C GLY D 72 -6.67 27.96 25.46
N GLN D 73 -6.49 28.91 26.37
CA GLN D 73 -5.17 29.29 26.85
C GLN D 73 -5.30 29.73 28.31
N LYS D 74 -4.96 28.82 29.22
CA LYS D 74 -5.17 29.00 30.66
C LYS D 74 -3.88 28.81 31.44
N THR D 75 -3.81 29.39 32.65
CA THR D 75 -2.70 29.15 33.57
C THR D 75 -2.84 27.78 34.22
N LEU D 76 -1.76 27.28 34.79
CA LEU D 76 -1.75 25.91 35.31
C LEU D 76 -2.83 25.68 36.37
N TYR D 77 -2.94 26.62 37.32
CA TYR D 77 -3.95 26.52 38.40
C TYR D 77 -5.36 26.83 37.94
N GLU D 78 -5.49 27.51 36.80
CA GLU D 78 -6.79 27.75 36.18
C GLU D 78 -7.34 26.51 35.47
N MET D 79 -6.47 25.70 34.87
CA MET D 79 -6.88 24.58 34.00
C MET D 79 -7.13 23.24 34.70
N MET D 80 -6.46 23.00 35.83
CA MET D 80 -6.53 21.74 36.57
C MET D 80 -6.60 22.01 38.07
N PRO D 81 -6.89 20.98 38.89
CA PRO D 81 -6.89 21.16 40.34
C PRO D 81 -5.52 21.58 40.89
N PRO D 82 -5.48 22.09 42.14
CA PRO D 82 -4.26 22.73 42.66
C PRO D 82 -3.06 21.80 42.90
N SER D 83 -3.28 20.60 43.43
CA SER D 83 -2.16 19.68 43.72
C SER D 83 -1.42 19.26 42.44
N ALA D 84 -2.18 19.08 41.36
CA ALA D 84 -1.64 18.78 40.03
C ALA D 84 -0.86 19.95 39.43
N ALA D 85 -1.40 21.16 39.56
CA ALA D 85 -0.75 22.37 39.04
C ALA D 85 0.57 22.69 39.74
N LYS D 86 0.65 22.39 41.04
CA LYS D 86 1.92 22.42 41.75
C LYS D 86 2.89 21.42 41.10
N ALA D 87 2.43 20.18 40.89
CA ALA D 87 3.28 19.13 40.33
C ALA D 87 3.82 19.53 38.96
N PHE D 88 2.97 20.09 38.11
CA PHE D 88 3.44 20.60 36.81
C PHE D 88 4.38 21.79 36.99
N THR D 89 4.06 22.71 37.91
CA THR D 89 4.94 23.86 38.18
C THR D 89 6.35 23.38 38.54
N GLU D 90 6.46 22.38 39.41
CA GLU D 90 7.76 21.88 39.86
C GLU D 90 8.50 21.08 38.79
N ALA D 91 7.74 20.44 37.89
CA ALA D 91 8.33 19.81 36.72
C ALA D 91 8.94 20.87 35.78
N PHE D 92 8.11 21.82 35.33
CA PHE D 92 8.57 22.88 34.41
C PHE D 92 9.68 23.76 34.99
N PHE D 93 9.70 23.93 36.31
CA PHE D 93 10.75 24.71 36.99
C PHE D 93 12.13 24.13 36.71
N GLN D 94 12.21 22.80 36.69
CA GLN D 94 13.46 22.10 36.37
C GLN D 94 13.80 22.14 34.88
N ILE D 95 12.77 22.07 34.05
CA ILE D 95 12.93 21.96 32.59
C ILE D 95 13.35 23.29 31.93
N SER D 96 13.14 24.42 32.61
CA SER D 96 13.55 25.71 32.06
C SER D 96 14.27 26.64 33.06
N SER D 97 15.10 27.54 32.52
CA SER D 97 15.73 28.61 33.32
C SER D 97 14.67 29.54 33.92
N LEU D 98 13.52 29.63 33.25
CA LEU D 98 12.38 30.40 33.71
C LEU D 98 11.98 30.03 35.14
N THR D 99 11.43 31.02 35.86
CA THR D 99 11.20 30.96 37.30
C THR D 99 9.74 30.63 37.62
N ARG D 100 9.47 30.28 38.87
CA ARG D 100 8.12 29.90 39.32
C ARG D 100 7.08 31.01 39.16
N ASP D 101 7.49 32.26 39.30
CA ASP D 101 6.62 33.41 39.03
C ASP D 101 6.20 33.39 37.56
N GLU D 102 7.18 33.30 36.65
CA GLU D 102 6.94 33.22 35.20
C GLU D 102 6.05 32.03 34.81
N ILE D 103 6.27 30.88 35.46
CA ILE D 103 5.55 29.62 35.18
C ILE D 103 4.05 29.63 35.54
N ILE D 104 3.67 30.22 36.68
CA ILE D 104 2.26 30.19 37.10
C ILE D 104 1.40 31.34 36.59
N THR D 105 2.02 32.44 36.17
CA THR D 105 1.29 33.52 35.48
C THR D 105 1.05 33.20 33.99
N HIS D 106 1.88 32.31 33.43
CA HIS D 106 1.83 31.98 32.01
C HIS D 106 0.58 31.22 31.63
N LYS D 107 0.03 31.58 30.48
CA LYS D 107 -1.17 30.94 29.95
C LYS D 107 -0.74 29.89 28.93
N PHE D 108 -0.88 28.62 29.28
CA PHE D 108 -0.51 27.49 28.42
C PHE D 108 -1.66 27.09 27.51
N LYS D 109 -1.35 26.63 26.30
CA LYS D 109 -2.39 26.02 25.44
C LYS D 109 -2.78 24.68 26.07
N THR D 110 -4.07 24.36 26.02
CA THR D 110 -4.64 23.27 26.81
C THR D 110 -5.16 22.13 25.94
N VAL D 111 -5.07 20.91 26.45
CA VAL D 111 -5.71 19.74 25.83
C VAL D 111 -6.54 19.04 26.87
N ARG D 112 -7.54 18.29 26.41
CA ARG D 112 -8.43 17.55 27.30
C ARG D 112 -7.67 16.38 27.95
N ALA D 113 -8.04 16.07 29.18
CA ALA D 113 -7.45 14.95 29.89
C ALA D 113 -8.34 14.54 31.05
N PHE D 114 -8.19 13.30 31.50
CA PHE D 114 -8.87 12.86 32.71
C PHE D 114 -7.88 12.14 33.61
N ASN D 115 -8.15 12.19 34.91
CA ASN D 115 -7.29 11.56 35.92
C ASN D 115 -7.43 10.05 35.84
N LEU D 116 -6.29 9.37 35.73
CA LEU D 116 -6.26 7.91 35.57
C LEU D 116 -7.04 7.20 36.67
N PHE D 117 -7.02 7.75 37.88
CA PHE D 117 -7.58 7.07 39.05
C PHE D 117 -9.01 7.48 39.37
N SER D 118 -9.27 8.79 39.43
CA SER D 118 -10.57 9.30 39.86
C SER D 118 -11.56 9.53 38.73
N LEU D 119 -11.05 9.51 37.49
CA LEU D 119 -11.79 9.92 36.30
C LEU D 119 -12.29 11.39 36.28
N GLU D 120 -11.73 12.26 37.14
CA GLU D 120 -12.06 13.68 37.09
C GLU D 120 -11.47 14.26 35.82
N GLN D 121 -12.26 15.10 35.15
CA GLN D 121 -11.86 15.71 33.90
C GLN D 121 -11.19 17.03 34.20
N GLN D 122 -10.14 17.33 33.45
CA GLN D 122 -9.40 18.58 33.59
C GLN D 122 -8.65 18.81 32.28
N GLU D 123 -7.81 19.83 32.22
CA GLU D 123 -6.90 19.99 31.09
C GLU D 123 -5.47 19.93 31.58
N ILE D 124 -4.58 19.57 30.66
CA ILE D 124 -3.14 19.61 30.90
C ILE D 124 -2.52 20.41 29.75
N PRO D 125 -1.26 20.87 29.92
CA PRO D 125 -0.64 21.66 28.86
C PRO D 125 -0.40 20.88 27.54
N ALA D 126 -0.95 21.44 26.45
CA ALA D 126 -0.77 20.93 25.08
C ALA D 126 0.69 20.77 24.65
N VAL D 127 1.55 21.70 25.10
CA VAL D 127 3.00 21.66 24.85
C VAL D 127 3.66 20.31 25.15
N ILE D 128 3.15 19.58 26.15
CA ILE D 128 3.65 18.25 26.53
C ILE D 128 3.19 17.13 25.57
N ILE D 129 2.06 17.33 24.89
CA ILE D 129 1.40 16.31 24.04
C ILE D 129 1.78 16.45 22.55
N ALA D 130 1.68 17.67 22.01
CA ALA D 130 1.95 17.94 20.60
C ALA D 130 3.45 17.94 20.28
N LEU D 131 3.82 17.29 19.18
CA LEU D 131 5.23 17.19 18.77
C LEU D 131 5.69 18.24 17.75
N ASP D 132 4.78 19.10 17.33
CA ASP D 132 5.09 20.14 16.34
C ASP D 132 5.29 21.50 17.01
N ASN D 133 5.95 22.39 16.28
CA ASN D 133 6.28 23.71 16.82
C ASN D 133 5.09 24.67 16.76
N ILE D 134 4.15 24.42 15.84
CA ILE D 134 3.06 25.38 15.58
C ILE D 134 1.91 25.28 16.60
N THR D 135 1.66 24.09 17.17
CA THR D 135 0.54 23.92 18.10
C THR D 135 0.65 24.68 19.44
N ALA D 136 1.83 24.68 20.05
CA ALA D 136 2.06 25.39 21.33
C ALA D 136 3.39 26.16 21.27
N ALA D 137 3.50 26.99 20.22
CA ALA D 137 4.72 27.71 19.87
C ALA D 137 5.20 28.64 20.98
N ASP D 138 4.26 29.43 21.52
CA ASP D 138 4.54 30.33 22.65
C ASP D 138 4.69 29.64 24.02
N ASP D 139 4.66 28.29 24.07
CA ASP D 139 4.90 27.51 25.31
C ASP D 139 6.24 26.71 25.32
N LEU D 140 7.03 26.75 24.25
CA LEU D 140 8.23 25.91 24.13
C LEU D 140 9.39 26.30 25.04
N LYS D 141 9.48 27.59 25.42
CA LYS D 141 10.45 28.07 26.42
C LYS D 141 10.42 27.30 27.76
N PHE D 142 9.23 26.78 28.12
CA PHE D 142 9.01 25.99 29.33
C PHE D 142 9.31 24.50 29.17
N TYR D 143 9.06 23.98 27.97
CA TYR D 143 9.14 22.53 27.69
C TYR D 143 9.53 22.32 26.20
N PRO D 144 10.84 22.45 25.88
CA PRO D 144 11.34 22.37 24.51
C PRO D 144 11.60 20.97 23.96
N ASP D 145 11.89 19.99 24.83
CA ASP D 145 12.14 18.59 24.39
C ASP D 145 10.92 17.67 24.62
N ARG D 146 10.17 17.42 23.55
CA ARG D 146 8.95 16.59 23.61
C ARG D 146 9.18 15.29 22.89
N ASP D 147 8.47 14.24 23.29
CA ASP D 147 8.53 12.93 22.61
C ASP D 147 7.17 12.21 22.66
N THR D 148 7.12 10.93 22.29
CA THR D 148 5.86 10.16 22.32
C THR D 148 5.82 9.08 23.39
N CYS D 149 6.47 9.30 24.52
CA CYS D 149 6.39 8.34 25.61
C CYS D 149 4.94 8.27 26.07
N GLY D 150 4.48 7.06 26.32
CA GLY D 150 3.08 6.81 26.70
C GLY D 150 2.01 6.95 25.64
N CYS D 151 2.35 7.26 24.38
CA CYS D 151 1.35 7.42 23.30
C CYS D 151 0.85 6.07 22.79
N SER D 152 -0.39 6.05 22.29
CA SER D 152 -1.00 4.81 21.78
C SER D 152 -2.23 5.10 20.95
N PHE D 153 -2.42 4.29 19.89
CA PHE D 153 -3.64 4.34 19.04
C PHE D 153 -4.37 3.00 19.04
N HIS D 154 -5.68 3.01 19.22
CA HIS D 154 -6.46 1.77 19.16
C HIS D 154 -7.95 2.02 18.87
N GLY D 155 -8.64 0.98 18.39
CA GLY D 155 -10.07 1.03 18.09
C GLY D 155 -10.94 1.04 19.32
N SER D 156 -10.41 0.53 20.44
CA SER D 156 -11.11 0.56 21.72
C SER D 156 -10.35 1.48 22.68
N LEU D 157 -11.08 2.24 23.51
CA LEU D 157 -10.45 3.16 24.49
C LEU D 157 -9.72 2.41 25.60
N ASN D 158 -10.30 1.31 26.10
CA ASN D 158 -9.61 0.50 27.09
C ASN D 158 -8.30 -0.07 26.54
N ASP D 159 -8.30 -0.41 25.25
CA ASP D 159 -7.10 -0.91 24.61
C ASP D 159 -6.05 0.19 24.49
N ALA D 160 -6.47 1.37 24.04
CA ALA D 160 -5.56 2.52 23.92
C ALA D 160 -4.90 2.87 25.25
N ILE D 161 -5.68 2.85 26.33
CA ILE D 161 -5.18 3.13 27.68
C ILE D 161 -4.25 2.00 28.16
N GLU D 162 -4.65 0.74 27.97
CA GLU D 162 -3.76 -0.41 28.24
C GLU D 162 -2.42 -0.23 27.53
N GLY D 163 -2.48 0.13 26.25
CA GLY D 163 -1.30 0.39 25.43
C GLY D 163 -0.46 1.53 25.96
N SER D 164 -1.09 2.68 26.22
CA SER D 164 -0.44 3.83 26.84
C SER D 164 0.22 3.50 28.21
N LEU D 165 -0.44 2.67 29.03
CA LEU D 165 0.13 2.22 30.31
C LEU D 165 1.39 1.39 30.11
N CYS D 166 1.36 0.45 29.16
CA CYS D 166 2.51 -0.40 28.91
C CYS D 166 3.69 0.42 28.43
N GLU D 167 3.43 1.40 27.57
CA GLU D 167 4.45 2.31 27.07
C GLU D 167 5.00 3.20 28.23
N PHE D 168 4.11 3.72 29.08
CA PHE D 168 4.53 4.39 30.33
C PHE D 168 5.48 3.54 31.17
N MET D 169 5.06 2.32 31.49
CA MET D 169 5.85 1.42 32.32
C MET D 169 7.16 1.02 31.63
N GLU D 170 7.15 0.88 30.31
CA GLU D 170 8.39 0.58 29.60
C GLU D 170 9.44 1.66 29.84
N ARG D 171 9.05 2.91 29.59
CA ARG D 171 10.00 4.01 29.57
C ARG D 171 10.41 4.47 30.96
N GLN D 172 9.47 4.54 31.88
CA GLN D 172 9.82 4.85 33.27
C GLN D 172 10.75 3.75 33.84
N SER D 173 10.45 2.48 33.52
CA SER D 173 11.37 1.38 33.87
C SER D 173 12.74 1.55 33.25
N LEU D 174 12.76 1.79 31.94
CA LEU D 174 14.00 2.02 31.18
C LEU D 174 14.87 3.18 31.69
N LEU D 175 14.24 4.30 32.04
CA LEU D 175 14.97 5.47 32.52
C LEU D 175 15.59 5.22 33.89
N LEU D 176 14.79 4.70 34.81
CA LEU D 176 15.29 4.37 36.14
C LEU D 176 16.30 3.23 36.07
N TYR D 177 16.11 2.32 35.12
CA TYR D 177 17.14 1.32 34.84
C TYR D 177 18.42 2.00 34.41
N TRP D 178 18.32 2.85 33.36
CA TRP D 178 19.45 3.58 32.81
C TRP D 178 20.22 4.33 33.88
N LEU D 179 19.52 5.09 34.70
CA LEU D 179 20.16 5.97 35.67
C LEU D 179 20.84 5.24 36.84
N GLN D 180 20.18 4.22 37.38
CA GLN D 180 20.67 3.53 38.59
C GLN D 180 21.42 2.22 38.34
N GLY D 181 21.19 1.59 37.20
CA GLY D 181 21.81 0.30 36.91
C GLY D 181 21.11 -0.92 37.48
N LYS D 182 20.09 -0.75 38.33
CA LYS D 182 19.45 -1.88 39.02
C LYS D 182 18.37 -2.53 38.14
N ALA D 183 18.44 -3.85 38.04
CA ALA D 183 17.41 -4.70 37.45
C ALA D 183 16.99 -5.73 38.48
N ASN D 184 15.73 -6.15 38.42
CA ASN D 184 15.18 -7.09 39.38
C ASN D 184 15.77 -8.47 39.20
N THR D 185 15.93 -8.87 37.94
CA THR D 185 16.46 -10.19 37.62
C THR D 185 16.94 -10.35 36.16
N GLU D 186 17.73 -11.38 35.94
CA GLU D 186 18.19 -11.78 34.61
C GLU D 186 17.52 -13.11 34.25
N ILE D 187 16.96 -13.15 33.04
CA ILE D 187 16.46 -14.40 32.47
C ILE D 187 17.61 -15.09 31.74
N SER D 188 17.60 -16.42 31.75
CA SER D 188 18.61 -17.21 31.05
C SER D 188 18.68 -16.77 29.59
N SER D 189 19.88 -16.43 29.14
CA SER D 189 20.12 -16.10 27.76
C SER D 189 19.94 -17.28 26.83
N GLU D 190 19.94 -18.50 27.38
CA GLU D 190 19.68 -19.72 26.61
C GLU D 190 18.25 -20.25 26.80
N ILE D 191 17.33 -19.37 27.23
CA ILE D 191 15.93 -19.72 27.46
C ILE D 191 15.24 -20.14 26.15
N VAL D 192 14.44 -21.19 26.20
CA VAL D 192 13.66 -21.63 25.04
C VAL D 192 12.16 -21.45 25.30
N THR D 193 11.56 -20.53 24.54
CA THR D 193 10.18 -20.13 24.72
C THR D 193 9.13 -21.13 24.20
N GLY D 194 9.53 -22.05 23.32
CA GLY D 194 8.57 -22.89 22.59
C GLY D 194 7.91 -22.24 21.38
N ILE D 195 8.05 -20.93 21.23
CA ILE D 195 7.44 -20.17 20.14
C ILE D 195 8.48 -20.07 19.04
N ASN D 196 8.17 -20.63 17.86
CA ASN D 196 9.18 -20.80 16.80
C ASN D 196 9.82 -19.51 16.32
N HIS D 197 9.02 -18.46 16.11
CA HIS D 197 9.59 -17.20 15.63
C HIS D 197 10.37 -16.42 16.69
N ILE D 198 10.13 -16.71 17.97
CA ILE D 198 10.91 -16.13 19.06
C ILE D 198 12.19 -16.91 19.24
N ASP D 199 12.08 -18.24 19.27
CA ASP D 199 13.26 -19.08 19.39
C ASP D 199 14.20 -18.93 18.21
N GLU D 200 13.65 -18.81 17.01
CA GLU D 200 14.47 -18.63 15.80
C GLU D 200 15.29 -17.33 15.89
N ILE D 201 14.65 -16.24 16.32
CA ILE D 201 15.35 -14.98 16.54
C ILE D 201 16.44 -15.13 17.59
N LEU D 202 16.13 -15.72 18.74
CA LEU D 202 17.14 -15.87 19.79
C LEU D 202 18.34 -16.73 19.36
N LEU D 203 18.08 -17.79 18.60
CA LEU D 203 19.14 -18.67 18.10
C LEU D 203 20.00 -17.95 17.08
N ALA D 204 19.36 -17.18 16.22
CA ALA D 204 20.08 -16.29 15.30
C ALA D 204 21.02 -15.36 16.07
N LEU D 205 20.50 -14.67 17.08
CA LEU D 205 21.27 -13.69 17.84
C LEU D 205 22.46 -14.29 18.56
N ARG D 206 22.26 -15.42 19.22
CA ARG D 206 23.36 -16.10 19.92
C ARG D 206 24.47 -16.56 18.97
N SER D 207 24.11 -16.88 17.73
CA SER D 207 25.09 -17.23 16.70
C SER D 207 25.91 -16.04 16.19
N GLU D 208 25.28 -14.87 16.07
CA GLU D 208 25.98 -13.68 15.58
C GLU D 208 26.80 -12.98 16.65
N GLY D 209 26.33 -13.07 17.91
CA GLY D 209 26.94 -12.36 19.03
C GLY D 209 26.53 -12.94 20.36
N ASP D 210 26.32 -12.07 21.34
CA ASP D 210 25.83 -12.48 22.66
C ASP D 210 24.55 -11.73 22.97
N ILE D 211 23.66 -12.36 23.73
CA ILE D 211 22.54 -11.65 24.32
C ILE D 211 22.55 -11.70 25.85
N ARG D 212 21.94 -10.68 26.46
CA ARG D 212 21.53 -10.76 27.86
C ARG D 212 20.07 -10.35 27.87
N ILE D 213 19.35 -10.82 28.89
CA ILE D 213 17.94 -10.49 29.04
C ILE D 213 17.72 -10.11 30.50
N PHE D 214 17.37 -8.85 30.73
CA PHE D 214 17.10 -8.34 32.09
C PHE D 214 15.64 -7.96 32.29
N ASP D 215 15.12 -8.23 33.49
CA ASP D 215 13.83 -7.73 33.93
C ASP D 215 14.11 -6.42 34.65
N ILE D 216 13.78 -5.31 34.00
CA ILE D 216 14.05 -3.97 34.54
C ILE D 216 12.80 -3.26 35.07
N THR D 217 11.75 -4.02 35.37
CA THR D 217 10.48 -3.47 35.90
C THR D 217 10.68 -2.55 37.10
N LEU D 218 9.89 -1.48 37.16
CA LEU D 218 9.87 -0.57 38.31
C LEU D 218 9.71 -1.36 39.61
N PRO D 219 10.65 -1.21 40.55
CA PRO D 219 10.63 -1.98 41.81
C PRO D 219 9.30 -1.97 42.54
N GLY D 220 8.78 -3.17 42.83
CA GLY D 220 7.47 -3.35 43.43
C GLY D 220 6.26 -3.36 42.49
N ALA D 221 6.46 -2.93 41.24
CA ALA D 221 5.34 -2.86 40.28
C ALA D 221 4.91 -4.28 39.87
N PRO D 222 3.62 -4.45 39.58
CA PRO D 222 3.22 -5.68 38.94
C PRO D 222 3.66 -5.72 37.46
N GLY D 223 3.58 -6.89 36.85
CA GLY D 223 3.97 -7.07 35.47
C GLY D 223 5.48 -7.12 35.28
N HIS D 224 5.91 -6.95 34.03
CA HIS D 224 7.27 -7.26 33.64
C HIS D 224 7.73 -6.45 32.44
N ALA D 225 8.62 -5.49 32.69
CA ALA D 225 9.31 -4.81 31.61
C ALA D 225 10.56 -5.64 31.36
N VAL D 226 10.62 -6.28 30.20
CA VAL D 226 11.77 -7.12 29.82
C VAL D 226 12.60 -6.41 28.78
N LEU D 227 13.89 -6.28 29.05
CA LEU D 227 14.84 -5.63 28.19
C LEU D 227 15.77 -6.68 27.63
N THR D 228 15.75 -6.87 26.32
CA THR D 228 16.66 -7.79 25.64
C THR D 228 17.81 -6.99 25.03
N LEU D 229 19.02 -7.48 25.20
CA LEU D 229 20.22 -6.75 24.76
C LEU D 229 21.06 -7.66 23.89
N TYR D 230 21.66 -7.08 22.87
CA TYR D 230 22.51 -7.78 21.94
C TYR D 230 23.80 -6.99 21.70
N GLY D 231 24.91 -7.71 21.56
CA GLY D 231 26.16 -7.15 21.08
C GLY D 231 26.94 -8.18 20.26
N THR D 232 27.85 -7.70 19.43
CA THR D 232 28.78 -8.58 18.71
C THR D 232 30.06 -7.81 18.39
N LYS D 233 31.21 -8.47 18.56
CA LYS D 233 32.51 -7.93 18.14
C LYS D 233 32.72 -8.17 16.65
N ASN D 234 32.19 -9.30 16.17
CA ASN D 234 32.25 -9.78 14.78
C ASN D 234 32.31 -8.66 13.72
N LYS D 235 33.45 -8.58 13.02
CA LYS D 235 33.67 -7.55 11.99
C LYS D 235 32.80 -7.65 10.70
N ILE D 236 32.29 -8.83 10.38
CA ILE D 236 31.35 -9.00 9.26
C ILE D 236 30.01 -8.31 9.54
N SER D 237 29.46 -8.53 10.75
CA SER D 237 28.20 -7.91 11.22
C SER D 237 28.19 -6.38 11.14
N ARG D 238 27.13 -5.82 10.57
CA ARG D 238 26.91 -4.36 10.56
C ARG D 238 26.17 -3.86 11.82
N ILE D 239 25.34 -4.72 12.41
CA ILE D 239 24.75 -4.45 13.70
C ILE D 239 25.70 -4.96 14.78
N LYS D 240 26.38 -4.02 15.43
CA LYS D 240 27.27 -4.30 16.55
C LYS D 240 26.50 -4.30 17.87
N TYR D 241 25.39 -3.56 17.92
CA TYR D 241 24.55 -3.42 19.11
C TYR D 241 23.06 -3.25 18.76
N SER D 242 22.19 -3.99 19.46
CA SER D 242 20.75 -3.74 19.41
C SER D 242 20.04 -4.00 20.74
N THR D 243 18.79 -3.53 20.82
CA THR D 243 17.99 -3.62 22.04
C THR D 243 16.49 -3.68 21.73
N GLY D 244 15.76 -4.37 22.59
CA GLY D 244 14.31 -4.36 22.58
C GLY D 244 13.72 -4.36 24.00
N LEU D 245 12.54 -3.77 24.13
CA LEU D 245 11.89 -3.51 25.40
C LEU D 245 10.37 -3.60 25.27
N SER D 246 9.74 -4.40 26.12
CA SER D 246 8.29 -4.42 26.20
C SER D 246 7.81 -4.67 27.63
N TYR D 247 6.60 -4.21 27.94
CA TYR D 247 5.94 -4.48 29.22
C TYR D 247 4.61 -5.22 29.01
N ALA D 248 4.39 -6.25 29.83
CA ALA D 248 3.13 -6.97 29.87
C ALA D 248 2.90 -7.55 31.27
N ASN D 249 1.68 -8.04 31.50
CA ASN D 249 1.36 -8.74 32.74
C ASN D 249 2.16 -10.01 32.74
N SER D 250 2.18 -10.69 31.59
CA SER D 250 2.89 -11.96 31.46
C SER D 250 4.38 -11.70 31.26
N LEU D 251 5.22 -12.46 31.94
CA LEU D 251 6.64 -12.42 31.69
C LEU D 251 6.96 -13.04 30.33
N LYS D 252 6.23 -14.09 29.95
CA LYS D 252 6.45 -14.77 28.69
C LYS D 252 6.14 -13.82 27.52
N LYS D 253 4.96 -13.19 27.59
CA LYS D 253 4.53 -12.23 26.59
C LYS D 253 5.49 -11.06 26.50
N ALA D 254 5.81 -10.48 27.65
CA ALA D 254 6.75 -9.35 27.69
C ALA D 254 8.11 -9.71 27.12
N LEU D 255 8.57 -10.94 27.34
CA LEU D 255 9.84 -11.38 26.78
C LEU D 255 9.73 -11.55 25.27
N CYS D 256 8.65 -12.20 24.82
CA CYS D 256 8.40 -12.45 23.38
C CYS D 256 8.26 -11.14 22.58
N LYS D 257 7.47 -10.21 23.11
CA LYS D 257 7.38 -8.86 22.55
C LYS D 257 8.74 -8.18 22.49
N SER D 258 9.49 -8.25 23.58
CA SER D 258 10.84 -7.62 23.66
C SER D 258 11.79 -8.15 22.57
N VAL D 259 11.73 -9.44 22.29
CA VAL D 259 12.63 -10.08 21.33
C VAL D 259 12.34 -9.62 19.90
N VAL D 260 11.08 -9.34 19.62
CA VAL D 260 10.61 -8.91 18.30
C VAL D 260 10.85 -7.41 18.08
N GLU D 261 10.67 -6.63 19.14
CA GLU D 261 11.07 -5.21 19.15
C GLU D 261 12.55 -5.08 18.81
N LEU D 262 13.36 -5.98 19.37
CA LEU D 262 14.80 -6.00 19.12
C LEU D 262 15.10 -6.31 17.67
N TRP D 263 14.53 -7.41 17.20
CA TRP D 263 14.68 -7.83 15.80
C TRP D 263 14.27 -6.72 14.85
N GLN D 264 13.18 -6.02 15.18
CA GLN D 264 12.72 -4.89 14.39
C GLN D 264 13.74 -3.74 14.30
N SER D 265 14.46 -3.44 15.37
CA SER D 265 15.49 -2.39 15.33
C SER D 265 16.71 -2.93 14.63
N TYR D 266 17.07 -4.17 14.95
CA TYR D 266 18.18 -4.85 14.29
C TYR D 266 17.96 -4.85 12.77
N ILE D 267 16.75 -5.22 12.32
CA ILE D 267 16.51 -5.38 10.88
C ILE D 267 16.41 -4.06 10.12
N CYS D 268 15.72 -3.07 10.69
CA CYS D 268 15.57 -1.76 10.03
C CYS D 268 16.88 -1.06 9.85
N LEU D 269 17.68 -1.00 10.90
CA LEU D 269 18.98 -0.38 10.79
C LEU D 269 19.87 -1.16 9.82
N HIS D 270 19.89 -2.49 9.94
CA HIS D 270 20.68 -3.33 9.05
C HIS D 270 20.39 -2.95 7.60
N ASN D 271 19.11 -2.93 7.24
CA ASN D 271 18.64 -2.54 5.91
C ASN D 271 19.01 -1.09 5.57
N PHE D 272 18.78 -0.16 6.51
CA PHE D 272 19.24 1.22 6.34
C PHE D 272 20.71 1.23 5.93
N LEU D 273 21.53 0.46 6.65
CA LEU D 273 22.97 0.42 6.42
C LEU D 273 23.36 -0.18 5.06
N ILE D 274 22.93 -1.41 4.77
CA ILE D 274 23.25 -2.08 3.49
C ILE D 274 22.66 -1.40 2.25
N GLY D 275 21.58 -0.65 2.40
CA GLY D 275 20.96 0.07 1.28
C GLY D 275 21.71 1.28 0.71
N GLY D 276 22.74 1.75 1.41
CA GLY D 276 23.46 2.95 1.01
C GLY D 276 22.77 4.24 1.44
N TYR D 277 21.81 4.14 2.36
CA TYR D 277 21.11 5.31 2.87
C TYR D 277 22.08 6.16 3.68
N THR D 278 22.01 7.48 3.48
CA THR D 278 22.95 8.43 4.08
C THR D 278 22.36 9.14 5.31
N ASP D 279 23.18 9.94 5.99
CA ASP D 279 22.73 10.75 7.14
C ASP D 279 21.50 11.63 6.82
N ASP D 280 21.46 12.16 5.57
CA ASP D 280 20.34 12.97 5.07
C ASP D 280 18.98 12.25 5.04
N ASP D 281 18.99 10.92 5.12
CA ASP D 281 17.77 10.12 5.28
C ASP D 281 17.30 10.06 6.74
N ILE D 282 18.24 9.95 7.68
CA ILE D 282 17.93 9.96 9.11
C ILE D 282 17.49 11.36 9.57
N ILE D 283 16.20 11.50 9.90
CA ILE D 283 15.61 12.79 10.32
C ILE D 283 15.35 12.87 11.83
N ASP D 284 14.72 11.85 12.39
CA ASP D 284 14.37 11.78 13.82
C ASP D 284 15.61 11.90 14.72
N SER D 285 15.49 12.69 15.79
CA SER D 285 16.60 12.99 16.71
C SER D 285 17.05 11.76 17.49
N TYR D 286 16.07 11.02 18.03
CA TYR D 286 16.34 9.82 18.79
C TYR D 286 16.93 8.68 17.92
N GLN D 287 16.59 8.66 16.62
CA GLN D 287 17.14 7.68 15.66
C GLN D 287 18.62 7.91 15.33
N ARG D 288 18.98 9.17 15.09
CA ARG D 288 20.39 9.52 14.82
C ARG D 288 21.28 9.19 16.03
N HIS D 289 20.74 9.35 17.23
CA HIS D 289 21.41 8.92 18.45
C HIS D 289 21.61 7.39 18.49
N PHE D 290 20.53 6.64 18.26
CA PHE D 290 20.58 5.17 18.25
C PHE D 290 21.59 4.58 17.24
N MET D 291 21.75 5.28 16.11
CA MET D 291 22.76 4.89 15.12
C MET D 291 24.17 5.14 15.60
N SER D 292 24.40 6.25 16.29
CA SER D 292 25.72 6.53 16.87
C SER D 292 26.09 5.56 18.00
N CYS D 293 25.09 4.89 18.58
CA CYS D 293 25.29 3.86 19.61
C CYS D 293 25.57 2.44 19.07
N ASN D 294 25.55 2.25 17.75
CA ASN D 294 25.81 0.94 17.15
C ASN D 294 27.29 0.53 17.28
N LYS D 295 27.66 0.10 18.49
CA LYS D 295 29.00 -0.39 18.80
C LYS D 295 28.98 -1.26 20.07
N TYR D 296 29.93 -2.20 20.14
CA TYR D 296 29.94 -3.21 21.22
C TYR D 296 30.10 -2.59 22.62
N GLU D 297 30.70 -1.40 22.68
CA GLU D 297 30.76 -0.57 23.90
C GLU D 297 29.39 -0.46 24.56
N SER D 298 28.38 -0.11 23.77
CA SER D 298 27.02 0.07 24.29
C SER D 298 26.50 -1.16 25.05
N PHE D 299 26.68 -2.33 24.46
CA PHE D 299 26.31 -3.59 25.09
C PHE D 299 27.08 -3.82 26.38
N THR D 300 28.40 -3.69 26.31
CA THR D 300 29.26 -4.01 27.44
C THR D 300 29.10 -3.00 28.58
N ASP D 301 28.95 -1.72 28.24
CA ASP D 301 28.62 -0.67 29.23
C ASP D 301 27.33 -0.97 30.02
N LEU D 302 26.32 -1.51 29.35
CA LEU D 302 25.08 -1.91 30.03
C LEU D 302 25.31 -3.16 30.87
N CYS D 303 25.67 -4.25 30.22
CA CYS D 303 25.84 -5.56 30.88
C CYS D 303 26.75 -5.55 32.12
N GLU D 304 27.97 -5.05 31.96
CA GLU D 304 28.97 -5.13 33.04
C GLU D 304 28.74 -4.13 34.19
N ASN D 305 27.77 -3.21 34.02
CA ASN D 305 27.33 -2.32 35.09
C ASN D 305 25.94 -2.66 35.66
N THR D 306 25.30 -3.71 35.17
CA THR D 306 23.98 -4.10 35.67
C THR D 306 24.11 -4.81 37.03
N VAL D 307 23.25 -4.42 37.97
CA VAL D 307 23.22 -5.00 39.32
C VAL D 307 21.89 -5.75 39.46
N LEU D 308 21.98 -7.06 39.71
CA LEU D 308 20.79 -7.91 39.87
C LEU D 308 20.35 -7.94 41.33
N LEU D 309 19.12 -7.51 41.60
CA LEU D 309 18.53 -7.60 42.93
C LEU D 309 18.23 -9.06 43.33
N SER D 310 18.23 -9.96 42.35
CA SER D 310 18.28 -11.42 42.57
C SER D 310 19.32 -12.02 41.61
N ASP D 311 20.46 -12.46 42.16
CA ASP D 311 21.63 -12.87 41.34
C ASP D 311 21.49 -14.18 40.55
N ASP D 312 20.62 -15.09 41.02
CA ASP D 312 20.37 -16.34 40.28
C ASP D 312 19.62 -16.06 38.97
N VAL D 313 19.89 -16.88 37.97
CA VAL D 313 19.34 -16.67 36.62
C VAL D 313 18.05 -17.47 36.47
N LYS D 314 17.02 -16.81 35.94
CA LYS D 314 15.71 -17.43 35.87
C LYS D 314 15.65 -18.42 34.68
N LEU D 315 15.63 -19.72 34.99
CA LEU D 315 15.52 -20.78 33.96
C LEU D 315 14.10 -20.99 33.41
N THR D 316 13.10 -20.33 34.02
CA THR D 316 11.67 -20.56 33.79
C THR D 316 10.96 -19.20 33.70
N LEU D 317 9.78 -19.18 33.09
CA LEU D 317 9.00 -17.96 32.96
C LEU D 317 7.72 -17.97 33.83
N GLU D 318 7.86 -18.38 35.09
CA GLU D 318 6.72 -18.56 36.00
C GLU D 318 6.25 -17.25 36.66
N GLU D 319 5.05 -17.27 37.22
CA GLU D 319 4.45 -16.11 37.90
C GLU D 319 4.98 -15.99 39.33
N ASN D 320 4.46 -15.00 40.05
CA ASN D 320 4.74 -14.81 41.49
C ASN D 320 3.71 -13.87 42.13
N ILE D 321 3.77 -13.67 43.45
CA ILE D 321 2.76 -12.89 44.19
C ILE D 321 2.72 -11.39 43.80
N THR D 322 3.86 -10.81 43.43
CA THR D 322 3.89 -9.40 42.99
C THR D 322 3.28 -9.20 41.60
N SER D 323 3.56 -10.10 40.66
CA SER D 323 3.33 -9.84 39.22
C SER D 323 1.86 -9.76 38.74
N ASP D 324 0.90 -10.20 39.55
CA ASP D 324 -0.55 -10.08 39.23
C ASP D 324 -1.35 -9.17 40.21
N THR D 325 -0.66 -8.31 40.96
CA THR D 325 -1.31 -7.26 41.77
C THR D 325 -1.89 -6.18 40.82
N ASN D 326 -2.33 -5.05 41.36
CA ASN D 326 -3.09 -4.08 40.59
C ASN D 326 -2.16 -2.94 40.20
N LEU D 327 -1.99 -2.71 38.89
CA LEU D 327 -1.04 -1.68 38.41
C LEU D 327 -1.47 -0.26 38.76
N LEU D 328 -2.77 0.00 38.77
CA LEU D 328 -3.27 1.34 39.12
C LEU D 328 -3.09 1.64 40.60
N ASN D 329 -3.31 0.63 41.46
CA ASN D 329 -3.06 0.81 42.89
C ASN D 329 -1.58 1.12 43.09
N TYR D 330 -0.69 0.38 42.42
CA TYR D 330 0.74 0.60 42.58
C TYR D 330 1.08 2.00 42.15
N LEU D 331 0.68 2.38 40.93
CA LEU D 331 0.95 3.72 40.42
C LEU D 331 0.42 4.82 41.34
N GLN D 332 -0.80 4.64 41.88
CA GLN D 332 -1.44 5.67 42.71
C GLN D 332 -0.71 5.88 44.03
N GLN D 333 -0.23 4.80 44.65
CA GLN D 333 0.62 4.87 45.85
C GLN D 333 1.84 5.79 45.66
N ILE D 334 2.40 5.80 44.44
CA ILE D 334 3.51 6.69 44.06
C ILE D 334 3.03 8.11 43.77
N SER D 335 1.93 8.26 43.03
CA SER D 335 1.39 9.58 42.69
C SER D 335 -0.05 9.56 42.21
N ASP D 336 -0.82 10.54 42.69
CA ASP D 336 -2.21 10.75 42.32
C ASP D 336 -2.30 11.45 40.95
N ASN D 337 -1.28 12.26 40.63
CA ASN D 337 -1.27 13.11 39.44
C ASN D 337 -0.76 12.35 38.19
N ILE D 338 -1.60 11.47 37.66
CA ILE D 338 -1.34 10.74 36.39
C ILE D 338 -2.56 10.92 35.50
N PHE D 339 -2.37 11.58 34.36
CA PHE D 339 -3.46 12.03 33.51
C PHE D 339 -3.45 11.30 32.16
N VAL D 340 -4.64 11.04 31.65
CA VAL D 340 -4.82 10.45 30.34
C VAL D 340 -5.33 11.52 29.40
N TYR D 341 -4.45 12.04 28.55
CA TYR D 341 -4.89 12.71 27.32
C TYR D 341 -5.62 11.69 26.45
N TYR D 342 -6.70 12.12 25.83
CA TYR D 342 -7.44 11.26 24.94
C TYR D 342 -8.00 12.08 23.79
N ALA D 343 -8.28 11.40 22.70
CA ALA D 343 -8.92 12.00 21.53
C ALA D 343 -9.59 10.89 20.74
N ARG D 344 -10.52 11.24 19.87
CA ARG D 344 -11.17 10.25 19.02
C ARG D 344 -11.54 10.81 17.65
N GLU D 345 -11.78 9.90 16.71
N GLU D 345 -11.84 9.90 16.73
CA GLU D 345 -12.17 10.20 15.33
CA GLU D 345 -12.26 10.25 15.39
C GLU D 345 -13.19 9.16 14.93
C GLU D 345 -13.13 9.14 14.86
N ARG D 346 -14.07 9.49 13.99
CA ARG D 346 -15.00 8.53 13.41
C ARG D 346 -14.35 7.89 12.18
N VAL D 347 -14.36 6.56 12.14
CA VAL D 347 -13.97 5.81 10.95
C VAL D 347 -15.10 4.85 10.62
N SER D 348 -15.81 5.13 9.52
CA SER D 348 -17.06 4.46 9.16
C SER D 348 -18.11 4.70 10.26
N ASN D 349 -18.52 3.65 11.00
CA ASN D 349 -19.42 3.79 12.15
C ASN D 349 -18.74 3.41 13.46
N SER D 350 -17.40 3.41 13.44
CA SER D 350 -16.60 3.05 14.59
C SER D 350 -15.93 4.31 15.11
N LEU D 351 -15.53 4.26 16.37
CA LEU D 351 -14.61 5.24 16.95
C LEU D 351 -13.25 4.58 17.09
N VAL D 352 -12.22 5.35 16.75
CA VAL D 352 -10.83 4.99 16.99
C VAL D 352 -10.28 6.06 17.94
N TRP D 353 -9.24 5.70 18.68
CA TRP D 353 -8.87 6.42 19.87
C TRP D 353 -7.39 6.63 19.95
N TYR D 354 -6.99 7.83 20.38
CA TYR D 354 -5.61 8.20 20.68
C TYR D 354 -5.53 8.50 22.18
N THR D 355 -4.46 8.06 22.83
CA THR D 355 -4.22 8.33 24.25
C THR D 355 -2.74 8.52 24.59
N LYS D 356 -2.46 9.39 25.57
CA LYS D 356 -1.12 9.55 26.13
C LYS D 356 -1.19 9.66 27.64
N ILE D 357 -0.53 8.74 28.34
CA ILE D 357 -0.44 8.80 29.80
C ILE D 357 0.70 9.73 30.19
N VAL D 358 0.41 10.68 31.06
CA VAL D 358 1.30 11.78 31.37
C VAL D 358 1.30 11.99 32.87
N SER D 359 2.48 12.23 33.45
CA SER D 359 2.60 12.57 34.87
C SER D 359 3.81 13.46 35.18
N PRO D 360 3.58 14.63 35.82
CA PRO D 360 4.71 15.43 36.27
C PRO D 360 5.43 14.88 37.52
N ASP D 361 4.89 13.84 38.16
CA ASP D 361 5.60 13.13 39.24
C ASP D 361 6.43 11.95 38.74
N PHE D 362 6.45 11.75 37.42
CA PHE D 362 7.37 10.83 36.74
C PHE D 362 8.12 11.63 35.68
N PHE D 363 9.04 10.96 34.98
CA PHE D 363 9.76 11.60 33.87
C PHE D 363 8.76 11.97 32.77
N LEU D 364 8.82 13.22 32.31
CA LEU D 364 7.91 13.72 31.25
C LEU D 364 8.34 13.31 29.81
N HIS D 365 9.63 13.00 29.63
CA HIS D 365 10.15 12.39 28.39
C HIS D 365 11.40 11.55 28.74
N MET D 366 12.00 10.90 27.74
CA MET D 366 13.10 9.92 27.97
C MET D 366 14.48 10.36 27.48
N ASN D 367 14.70 11.68 27.45
CA ASN D 367 15.95 12.30 26.99
C ASN D 367 16.53 13.15 28.11
N ASN D 368 17.30 12.52 29.00
CA ASN D 368 17.94 13.27 30.10
C ASN D 368 19.22 14.02 29.69
N SER D 369 19.60 13.91 28.40
CA SER D 369 20.57 14.84 27.79
C SER D 369 19.95 16.17 27.35
N GLY D 370 18.62 16.26 27.36
CA GLY D 370 17.90 17.51 27.10
C GLY D 370 17.42 18.11 28.40
N ALA D 371 16.33 18.87 28.33
CA ALA D 371 15.70 19.53 29.49
C ALA D 371 14.58 18.66 30.07
N ILE D 372 14.81 18.12 31.28
CA ILE D 372 14.00 17.05 31.85
C ILE D 372 13.73 17.31 33.34
N ASN D 373 12.66 16.71 33.86
CA ASN D 373 12.39 16.71 35.31
C ASN D 373 13.11 15.52 35.93
N ILE D 374 14.41 15.72 36.15
CA ILE D 374 15.25 14.70 36.78
C ILE D 374 14.81 14.39 38.23
N ASN D 375 14.33 15.40 38.96
CA ASN D 375 13.78 15.17 40.30
C ASN D 375 12.29 14.92 40.21
N ASN D 376 11.87 13.71 40.60
CA ASN D 376 10.46 13.30 40.60
C ASN D 376 10.24 12.19 41.65
N LYS D 377 9.04 11.65 41.75
CA LYS D 377 8.74 10.65 42.78
C LYS D 377 9.46 9.30 42.62
N ILE D 378 10.18 9.05 41.53
CA ILE D 378 10.98 7.80 41.39
C ILE D 378 12.50 7.97 41.27
N TYR D 379 12.97 9.21 41.18
CA TYR D 379 14.40 9.51 41.06
C TYR D 379 14.73 10.90 41.59
N HIS D 380 15.88 11.03 42.25
CA HIS D 380 16.45 12.34 42.56
C HIS D 380 17.87 12.35 42.04
N THR D 381 18.37 13.55 41.71
CA THR D 381 19.79 13.77 41.39
C THR D 381 20.70 13.04 42.40
N GLY D 382 21.72 12.36 41.90
CA GLY D 382 22.70 11.68 42.75
C GLY D 382 22.29 10.34 43.32
N ASP D 383 21.11 9.84 42.99
CA ASP D 383 20.74 8.48 43.39
C ASP D 383 21.57 7.44 42.61
N GLY D 384 21.55 7.52 41.28
CA GLY D 384 22.23 6.54 40.42
C GLY D 384 23.61 6.95 39.97
N ILE D 385 23.96 6.59 38.73
CA ILE D 385 25.28 6.88 38.15
C ILE D 385 25.25 8.33 37.62
N LYS D 386 26.11 9.18 38.17
CA LYS D 386 26.13 10.61 37.87
C LYS D 386 26.34 10.92 36.39
N VAL D 387 27.20 10.16 35.72
CA VAL D 387 27.50 10.39 34.30
C VAL D 387 26.27 10.13 33.41
N ARG D 388 25.42 9.20 33.83
CA ARG D 388 24.19 8.86 33.11
C ARG D 388 23.05 9.86 33.24
N GLU D 389 23.09 10.71 34.27
CA GLU D 389 22.13 11.82 34.36
C GLU D 389 22.28 12.81 33.18
N SER D 390 23.52 12.95 32.68
CA SER D 390 23.83 13.79 31.52
C SER D 390 23.62 13.11 30.15
N LYS D 391 23.80 11.81 30.06
CA LYS D 391 23.75 11.10 28.76
C LYS D 391 22.39 10.42 28.47
N MET D 392 21.88 10.59 27.24
CA MET D 392 20.65 9.91 26.79
C MET D 392 20.92 8.42 26.56
N VAL D 393 20.04 7.59 27.11
CA VAL D 393 20.10 6.13 26.96
C VAL D 393 20.30 5.68 25.51
N PRO D 394 21.05 4.56 25.29
CA PRO D 394 21.08 3.96 23.95
C PRO D 394 19.80 3.14 23.69
N PHE D 395 18.77 3.84 23.27
CA PHE D 395 17.47 3.25 22.99
C PHE D 395 16.72 4.18 22.03
N PRO D 396 16.12 3.62 20.95
CA PRO D 396 15.53 4.49 19.92
C PRO D 396 14.20 5.11 20.33
ZN ZN E . -8.94 -12.86 -35.30
S SO4 F . -12.96 -15.96 -18.00
O1 SO4 F . -14.40 -15.88 -17.72
O2 SO4 F . -12.37 -17.17 -17.36
O3 SO4 F . -12.77 -16.03 -19.46
O4 SO4 F . -12.26 -14.77 -17.45
CL CL G . -17.40 0.24 -50.45
ZN ZN H . -14.71 19.57 7.96
N1 FMN I . 19.86 -8.35 -22.35
C2 FMN I . 19.37 -7.28 -23.04
O2 FMN I . 20.16 -6.36 -23.34
N3 FMN I . 18.07 -7.18 -23.39
C4 FMN I . 17.18 -8.14 -23.08
O4 FMN I . 15.98 -8.03 -23.42
C4A FMN I . 17.63 -9.34 -22.34
N5 FMN I . 16.79 -10.34 -22.01
C5A FMN I . 17.21 -11.43 -21.33
C6 FMN I . 16.30 -12.44 -21.01
C7 FMN I . 16.70 -13.57 -20.31
C7M FMN I . 15.70 -14.65 -19.98
C8 FMN I . 18.12 -13.72 -19.91
C8M FMN I . 18.58 -14.93 -19.16
C9 FMN I . 19.04 -12.71 -20.23
C9A FMN I . 18.65 -11.56 -20.92
N10 FMN I . 19.57 -10.52 -21.27
C10 FMN I . 19.08 -9.39 -21.98
C1' FMN I . 21.00 -10.57 -20.91
C2' FMN I . 21.17 -10.14 -19.45
O2' FMN I . 20.93 -8.73 -19.37
C3' FMN I . 22.56 -10.50 -18.90
O3' FMN I . 22.66 -11.93 -18.81
C4' FMN I . 22.84 -9.90 -17.52
O4' FMN I . 22.90 -8.48 -17.59
C5' FMN I . 24.15 -10.39 -16.91
O5' FMN I . 25.24 -10.01 -17.74
P FMN I . 26.25 -11.09 -18.38
O1P FMN I . 25.35 -12.08 -19.07
O2P FMN I . 27.07 -10.21 -19.31
O3P FMN I . 27.01 -11.70 -17.22
S SO4 J . 18.03 -6.39 -19.54
O1 SO4 J . 17.93 -5.56 -18.33
O2 SO4 J . 18.08 -7.83 -19.19
O3 SO4 J . 16.83 -6.15 -20.38
O4 SO4 J . 19.25 -5.99 -20.28
CL CL K . -0.16 -42.09 -13.76
CL CL L . -0.60 -9.23 29.17
#